data_2N26
#
_entry.id   2N26
#
_cell.length_a   1.000
_cell.length_b   1.000
_cell.length_c   1.000
_cell.angle_alpha   90.00
_cell.angle_beta   90.00
_cell.angle_gamma   90.00
#
_symmetry.space_group_name_H-M   'P 1'
#
loop_
_entity.id
_entity.type
_entity.pdbx_description
1 polymer 'Zinc finger and BTB domain-containing protein 17'
2 non-polymer 'ZINC ION'
#
_entity_poly.entity_id   1
_entity_poly.type   'polypeptide(L)'
_entity_poly.pdbx_seq_one_letter_code
;MVIHKCEDCGKEFTHTGNFKRHIRIHTGEKPFSCRECSKAFSDPAACKAHEKTHSPLKPYGCEECGKSYRLISLLNLHKK
RHSGEARYRCEDCGKLFTTSGNLKRHQLVHSG
;
_entity_poly.pdbx_strand_id   A
#
loop_
_chem_comp.id
_chem_comp.type
_chem_comp.name
_chem_comp.formula
ZN non-polymer 'ZINC ION' 'Zn 2'
#
# COMPACT_ATOMS: atom_id res chain seq x y z
N LYS A 58 7.99 15.92 -3.84
CA LYS A 58 8.14 15.50 -2.43
C LYS A 58 8.44 14.01 -2.36
N PRO A 59 9.47 13.62 -1.59
CA PRO A 59 9.85 12.23 -1.42
C PRO A 59 8.72 11.40 -0.86
N TYR A 60 8.31 10.45 -1.65
CA TYR A 60 7.24 9.53 -1.28
C TYR A 60 7.84 8.17 -0.98
N GLY A 61 7.98 7.87 0.30
CA GLY A 61 8.70 6.70 0.67
C GLY A 61 7.84 5.63 1.30
N CYS A 62 8.31 4.40 1.15
CA CYS A 62 7.61 3.24 1.66
C CYS A 62 7.67 3.20 3.19
N GLU A 63 6.50 3.33 3.81
CA GLU A 63 6.36 3.25 5.27
C GLU A 63 6.87 1.90 5.79
N GLU A 64 6.96 0.96 4.88
CA GLU A 64 7.24 -0.42 5.21
C GLU A 64 8.74 -0.71 5.27
N CYS A 65 9.50 -0.21 4.29
CA CYS A 65 10.90 -0.60 4.15
C CYS A 65 11.78 0.63 4.14
N GLY A 66 11.18 1.77 3.83
CA GLY A 66 11.84 3.02 4.02
C GLY A 66 12.60 3.52 2.80
N LYS A 67 12.13 3.17 1.61
CA LYS A 67 12.71 3.71 0.38
C LYS A 67 11.84 4.81 -0.18
N SER A 68 12.42 5.98 -0.41
CA SER A 68 11.68 7.11 -0.95
C SER A 68 11.71 7.11 -2.46
N TYR A 69 10.58 7.45 -3.06
CA TYR A 69 10.47 7.56 -4.51
C TYR A 69 10.09 8.96 -4.93
N ARG A 70 10.33 9.27 -6.20
CA ARG A 70 10.04 10.60 -6.73
C ARG A 70 8.55 10.81 -6.93
N LEU A 71 7.86 9.80 -7.47
CA LEU A 71 6.44 9.93 -7.74
C LEU A 71 5.63 9.03 -6.83
N ILE A 72 4.32 9.30 -6.76
CA ILE A 72 3.40 8.44 -6.03
C ILE A 72 3.27 7.11 -6.73
N SER A 73 3.14 7.17 -8.06
CA SER A 73 3.01 5.98 -8.88
C SER A 73 4.27 5.12 -8.79
N LEU A 74 5.41 5.80 -8.69
CA LEU A 74 6.68 5.14 -8.46
C LEU A 74 6.64 4.28 -7.22
N LEU A 75 6.29 4.90 -6.13
CA LEU A 75 6.21 4.25 -4.85
C LEU A 75 5.05 3.28 -4.83
N ASN A 76 4.09 3.55 -5.68
CA ASN A 76 2.91 2.73 -5.82
C ASN A 76 3.29 1.43 -6.49
N LEU A 77 4.20 1.52 -7.44
CA LEU A 77 4.70 0.36 -8.13
C LEU A 77 5.74 -0.35 -7.28
N HIS A 78 6.37 0.40 -6.40
CA HIS A 78 7.25 -0.16 -5.38
C HIS A 78 6.41 -0.99 -4.41
N LYS A 79 5.26 -0.44 -4.04
CA LYS A 79 4.37 -1.09 -3.11
C LYS A 79 3.73 -2.28 -3.80
N LYS A 80 3.46 -2.11 -5.08
CA LYS A 80 2.99 -3.20 -5.93
C LYS A 80 4.04 -4.30 -6.01
N ARG A 81 5.30 -3.90 -6.12
CA ARG A 81 6.40 -4.85 -6.26
C ARG A 81 6.47 -5.82 -5.09
N HIS A 82 6.22 -5.31 -3.89
CA HIS A 82 6.34 -6.12 -2.68
C HIS A 82 5.26 -7.21 -2.62
N SER A 83 4.11 -6.94 -3.20
CA SER A 83 3.01 -7.90 -3.18
C SER A 83 2.82 -8.53 -4.56
N GLY A 84 3.78 -8.32 -5.44
CA GLY A 84 3.65 -8.79 -6.82
C GLY A 84 2.88 -7.82 -7.65
N GLU A 85 1.64 -7.60 -7.25
CA GLU A 85 0.76 -6.70 -7.88
C GLU A 85 0.04 -5.89 -6.80
N ALA A 86 -0.58 -4.80 -7.18
CA ALA A 86 -1.29 -3.95 -6.24
C ALA A 86 -2.71 -3.73 -6.69
N ARG A 87 -3.63 -4.40 -6.02
CA ARG A 87 -5.02 -4.38 -6.43
C ARG A 87 -5.81 -3.33 -5.65
N TYR A 88 -6.20 -3.71 -4.47
CA TYR A 88 -6.97 -2.86 -3.59
C TYR A 88 -6.04 -2.00 -2.76
N ARG A 89 -6.51 -0.87 -2.28
CA ARG A 89 -5.80 -0.15 -1.27
C ARG A 89 -6.72 0.09 -0.12
N CYS A 90 -6.13 0.23 1.02
CA CYS A 90 -6.84 0.66 2.19
C CYS A 90 -7.30 2.09 1.93
N GLU A 91 -8.60 2.33 1.96
CA GLU A 91 -9.15 3.62 1.59
C GLU A 91 -8.81 4.71 2.62
N ASP A 92 -7.96 4.34 3.57
CA ASP A 92 -7.60 5.25 4.64
C ASP A 92 -6.10 5.51 4.67
N CYS A 93 -5.29 4.46 4.49
CA CYS A 93 -3.87 4.62 4.67
C CYS A 93 -3.14 4.28 3.38
N GLY A 94 -3.88 3.67 2.46
CA GLY A 94 -3.44 3.46 1.10
C GLY A 94 -2.49 2.30 0.95
N LYS A 95 -2.70 1.27 1.74
CA LYS A 95 -1.94 0.05 1.62
C LYS A 95 -2.57 -0.85 0.57
N LEU A 96 -1.75 -1.37 -0.32
CA LEU A 96 -2.25 -2.17 -1.43
C LEU A 96 -2.28 -3.64 -1.06
N PHE A 97 -3.45 -4.23 -1.24
CA PHE A 97 -3.63 -5.66 -1.00
C PHE A 97 -4.17 -6.31 -2.25
N THR A 98 -3.69 -7.50 -2.51
CA THR A 98 -4.13 -8.28 -3.64
C THR A 98 -5.35 -9.08 -3.27
N THR A 99 -5.60 -9.14 -1.99
CA THR A 99 -6.73 -9.81 -1.46
C THR A 99 -7.60 -8.82 -0.72
N SER A 100 -8.88 -8.78 -1.06
CA SER A 100 -9.81 -7.84 -0.46
C SER A 100 -10.11 -8.26 0.97
N GLY A 101 -9.92 -9.53 1.25
CA GLY A 101 -10.05 -10.03 2.61
C GLY A 101 -8.88 -9.65 3.48
N ASN A 102 -7.66 -9.79 2.95
CA ASN A 102 -6.46 -9.32 3.66
C ASN A 102 -6.62 -7.85 3.88
N LEU A 103 -7.18 -7.20 2.88
CA LEU A 103 -7.42 -5.81 2.94
C LEU A 103 -8.43 -5.53 4.02
N LYS A 104 -9.55 -6.24 3.94
CA LYS A 104 -10.67 -6.11 4.84
C LYS A 104 -10.26 -6.19 6.30
N ARG A 105 -9.49 -7.21 6.64
CA ARG A 105 -9.01 -7.35 8.02
C ARG A 105 -8.22 -6.11 8.42
N HIS A 106 -7.48 -5.60 7.46
CA HIS A 106 -6.70 -4.37 7.64
C HIS A 106 -7.59 -3.12 7.59
N GLN A 107 -8.81 -3.27 7.08
CA GLN A 107 -9.73 -2.15 7.00
C GLN A 107 -10.45 -2.08 8.33
N LEU A 108 -10.54 -3.24 8.95
CA LEU A 108 -11.26 -3.45 10.19
C LEU A 108 -10.42 -3.03 11.36
N VAL A 109 -9.16 -2.83 11.15
CA VAL A 109 -8.33 -2.31 12.19
C VAL A 109 -8.49 -0.80 12.25
N HIS A 110 -9.01 -0.23 11.17
CA HIS A 110 -9.30 1.20 11.12
C HIS A 110 -10.73 1.46 11.55
N SER A 111 -11.49 0.39 11.71
CA SER A 111 -12.90 0.49 12.08
C SER A 111 -13.32 -0.78 12.80
N GLY A 112 -12.49 -1.18 13.74
CA GLY A 112 -12.73 -2.41 14.46
C GLY A 112 -12.49 -2.24 15.93
ZN ZN B . 8.52 -1.30 0.30
ZN ZN C . -5.01 0.76 6.53
N LYS A 58 9.69 16.16 -3.84
CA LYS A 58 8.97 15.38 -2.81
C LYS A 58 9.48 13.95 -2.77
N PRO A 59 10.01 13.53 -1.61
CA PRO A 59 10.39 12.17 -1.35
C PRO A 59 9.24 11.36 -0.78
N TYR A 60 8.84 10.36 -1.52
CA TYR A 60 7.83 9.42 -1.10
C TYR A 60 8.49 8.07 -0.88
N GLY A 61 8.86 7.80 0.35
CA GLY A 61 9.64 6.64 0.60
C GLY A 61 8.86 5.52 1.23
N CYS A 62 9.25 4.33 0.84
CA CYS A 62 8.67 3.09 1.31
C CYS A 62 8.86 2.97 2.82
N GLU A 63 7.77 2.93 3.55
CA GLU A 63 7.81 2.84 4.99
C GLU A 63 8.35 1.49 5.44
N GLU A 64 8.39 0.56 4.51
CA GLU A 64 8.74 -0.82 4.80
C GLU A 64 10.22 -1.13 4.56
N CYS A 65 10.80 -0.58 3.51
CA CYS A 65 12.17 -0.89 3.15
C CYS A 65 13.02 0.36 3.21
N GLY A 66 12.35 1.49 3.09
CA GLY A 66 12.99 2.76 3.28
C GLY A 66 13.53 3.38 1.99
N LYS A 67 13.08 2.89 0.85
CA LYS A 67 13.48 3.45 -0.43
C LYS A 67 12.56 4.59 -0.85
N SER A 68 13.13 5.77 -1.06
CA SER A 68 12.35 6.96 -1.43
C SER A 68 12.17 7.06 -2.93
N TYR A 69 10.96 7.44 -3.34
CA TYR A 69 10.67 7.70 -4.74
C TYR A 69 10.13 9.11 -4.93
N ARG A 70 10.19 9.61 -6.16
CA ARG A 70 9.74 10.97 -6.44
C ARG A 70 8.22 11.04 -6.57
N LEU A 71 7.62 10.06 -7.24
CA LEU A 71 6.19 10.06 -7.46
C LEU A 71 5.51 9.01 -6.58
N ILE A 72 4.23 9.22 -6.31
CA ILE A 72 3.45 8.23 -5.59
C ILE A 72 3.29 6.99 -6.45
N SER A 73 3.02 7.19 -7.74
CA SER A 73 2.90 6.09 -8.69
C SER A 73 4.22 5.31 -8.77
N LEU A 74 5.32 6.03 -8.70
CA LEU A 74 6.65 5.44 -8.62
C LEU A 74 6.75 4.46 -7.48
N LEU A 75 6.46 4.96 -6.31
CA LEU A 75 6.57 4.19 -5.10
C LEU A 75 5.44 3.18 -5.04
N ASN A 76 4.40 3.47 -5.78
CA ASN A 76 3.25 2.61 -5.87
C ASN A 76 3.62 1.35 -6.62
N LEU A 77 4.44 1.52 -7.64
CA LEU A 77 4.92 0.40 -8.42
C LEU A 77 6.05 -0.29 -7.69
N HIS A 78 6.70 0.45 -6.80
CA HIS A 78 7.68 -0.11 -5.89
C HIS A 78 6.97 -0.97 -4.85
N LYS A 79 5.83 -0.48 -4.38
CA LYS A 79 5.04 -1.18 -3.40
C LYS A 79 4.40 -2.39 -4.06
N LYS A 80 3.93 -2.19 -5.28
CA LYS A 80 3.41 -3.26 -6.10
C LYS A 80 4.48 -4.32 -6.32
N ARG A 81 5.73 -3.91 -6.46
CA ARG A 81 6.82 -4.85 -6.69
C ARG A 81 7.01 -5.79 -5.50
N HIS A 82 6.84 -5.28 -4.28
CA HIS A 82 7.03 -6.08 -3.09
C HIS A 82 5.87 -7.05 -2.88
N SER A 83 4.65 -6.56 -3.04
CA SER A 83 3.47 -7.36 -2.81
C SER A 83 3.10 -8.20 -4.03
N GLY A 84 3.96 -8.17 -5.04
CA GLY A 84 3.65 -8.86 -6.28
C GLY A 84 2.85 -7.97 -7.20
N GLU A 85 1.73 -7.49 -6.68
CA GLU A 85 0.92 -6.49 -7.34
C GLU A 85 0.34 -5.56 -6.30
N ALA A 86 -0.49 -4.64 -6.76
CA ALA A 86 -1.17 -3.70 -5.88
C ALA A 86 -2.60 -3.55 -6.35
N ARG A 87 -3.49 -4.22 -5.66
CA ARG A 87 -4.86 -4.37 -6.13
C ARG A 87 -5.78 -3.41 -5.42
N TYR A 88 -6.07 -3.73 -4.18
CA TYR A 88 -6.97 -2.95 -3.37
C TYR A 88 -6.18 -1.99 -2.53
N ARG A 89 -6.78 -0.91 -2.11
CA ARG A 89 -6.20 -0.09 -1.09
C ARG A 89 -7.20 0.09 0.02
N CYS A 90 -6.70 0.29 1.22
CA CYS A 90 -7.54 0.57 2.36
C CYS A 90 -8.26 1.89 2.12
N GLU A 91 -9.57 1.88 2.31
CA GLU A 91 -10.40 3.04 2.00
C GLU A 91 -10.02 4.24 2.87
N ASP A 92 -9.17 4.02 3.86
CA ASP A 92 -8.88 5.04 4.84
C ASP A 92 -7.40 5.41 4.88
N CYS A 93 -6.51 4.44 4.67
CA CYS A 93 -5.12 4.73 4.87
C CYS A 93 -4.29 4.33 3.65
N GLY A 94 -5.01 3.83 2.64
CA GLY A 94 -4.42 3.58 1.34
C GLY A 94 -3.34 2.52 1.33
N LYS A 95 -3.52 1.45 2.09
CA LYS A 95 -2.63 0.30 2.01
C LYS A 95 -3.07 -0.60 0.88
N LEU A 96 -2.14 -1.03 0.06
CA LEU A 96 -2.48 -1.85 -1.08
C LEU A 96 -2.42 -3.33 -0.72
N PHE A 97 -3.58 -3.95 -0.70
CA PHE A 97 -3.68 -5.38 -0.45
C PHE A 97 -4.08 -6.08 -1.72
N THR A 98 -3.49 -7.22 -1.97
CA THR A 98 -3.75 -7.97 -3.18
C THR A 98 -4.94 -8.89 -2.97
N THR A 99 -5.40 -8.93 -1.73
CA THR A 99 -6.53 -9.72 -1.36
C THR A 99 -7.53 -8.85 -0.62
N SER A 100 -8.78 -8.88 -1.07
CA SER A 100 -9.82 -8.02 -0.53
C SER A 100 -10.19 -8.43 0.89
N GLY A 101 -10.04 -9.71 1.21
CA GLY A 101 -10.30 -10.16 2.56
C GLY A 101 -9.19 -9.83 3.51
N ASN A 102 -7.95 -9.85 3.03
CA ASN A 102 -6.82 -9.37 3.84
C ASN A 102 -7.01 -7.91 4.06
N LEU A 103 -7.47 -7.27 3.00
CA LEU A 103 -7.76 -5.88 3.03
C LEU A 103 -8.84 -5.62 4.06
N LYS A 104 -9.98 -6.28 3.85
CA LYS A 104 -11.14 -6.23 4.74
C LYS A 104 -10.74 -6.25 6.20
N ARG A 105 -9.95 -7.26 6.58
CA ARG A 105 -9.45 -7.37 7.94
C ARG A 105 -8.84 -6.06 8.40
N HIS A 106 -7.99 -5.49 7.55
CA HIS A 106 -7.31 -4.25 7.86
C HIS A 106 -8.27 -3.05 7.80
N GLN A 107 -9.42 -3.21 7.18
CA GLN A 107 -10.35 -2.11 7.03
C GLN A 107 -11.17 -2.05 8.28
N LEU A 108 -11.34 -3.23 8.85
CA LEU A 108 -12.15 -3.43 10.02
C LEU A 108 -11.42 -2.88 11.21
N VAL A 109 -10.13 -3.04 11.24
CA VAL A 109 -9.36 -2.63 12.38
C VAL A 109 -9.49 -1.13 12.60
N HIS A 110 -9.92 -0.43 11.55
CA HIS A 110 -10.10 1.01 11.64
C HIS A 110 -11.41 1.42 12.34
N SER A 111 -12.10 0.44 12.93
CA SER A 111 -13.33 0.71 13.70
C SER A 111 -13.73 -0.52 14.49
N GLY A 112 -13.55 -1.64 13.85
CA GLY A 112 -13.80 -2.94 14.40
C GLY A 112 -15.28 -3.29 14.35
ZN ZN B . 9.78 -1.21 -0.46
ZN ZN C . -6.01 0.99 6.82
N LYS A 58 9.03 16.23 -4.05
CA LYS A 58 8.98 15.77 -2.64
C LYS A 58 8.94 14.24 -2.57
N PRO A 59 9.78 13.66 -1.69
CA PRO A 59 9.93 12.21 -1.57
C PRO A 59 8.69 11.55 -1.02
N TYR A 60 8.22 10.60 -1.78
CA TYR A 60 7.07 9.78 -1.43
C TYR A 60 7.55 8.45 -0.92
N GLY A 61 7.62 8.30 0.38
CA GLY A 61 8.21 7.13 0.95
C GLY A 61 7.22 6.20 1.61
N CYS A 62 7.54 4.94 1.54
CA CYS A 62 6.73 3.88 2.11
C CYS A 62 6.82 3.92 3.64
N GLU A 63 5.67 3.99 4.29
CA GLU A 63 5.59 4.08 5.75
C GLU A 63 6.13 2.80 6.39
N GLU A 64 6.06 1.73 5.63
CA GLU A 64 6.33 0.40 6.12
C GLU A 64 7.81 0.05 6.10
N CYS A 65 8.49 0.45 5.06
CA CYS A 65 9.85 0.00 4.82
C CYS A 65 10.78 1.19 4.68
N GLY A 66 10.17 2.36 4.79
CA GLY A 66 10.90 3.60 4.86
C GLY A 66 11.76 3.90 3.65
N LYS A 67 11.29 3.55 2.47
CA LYS A 67 12.00 3.87 1.25
C LYS A 67 11.24 4.94 0.48
N SER A 68 11.93 6.01 0.13
CA SER A 68 11.30 7.13 -0.55
C SER A 68 11.45 7.05 -2.05
N TYR A 69 10.39 7.40 -2.74
CA TYR A 69 10.40 7.47 -4.19
C TYR A 69 10.04 8.87 -4.65
N ARG A 70 10.62 9.25 -5.77
CA ARG A 70 10.43 10.57 -6.35
C ARG A 70 9.06 10.68 -7.00
N LEU A 71 8.59 9.59 -7.58
CA LEU A 71 7.31 9.58 -8.27
C LEU A 71 6.26 8.82 -7.48
N ILE A 72 5.02 9.27 -7.58
CA ILE A 72 3.91 8.59 -6.96
C ILE A 72 3.73 7.19 -7.55
N SER A 73 3.80 7.09 -8.87
CA SER A 73 3.67 5.80 -9.53
C SER A 73 4.89 4.93 -9.24
N LEU A 74 5.99 5.58 -8.93
CA LEU A 74 7.21 4.89 -8.55
C LEU A 74 7.02 4.15 -7.25
N LEU A 75 6.55 4.87 -6.26
CA LEU A 75 6.27 4.31 -4.95
C LEU A 75 5.09 3.38 -5.05
N ASN A 76 4.22 3.70 -5.99
CA ASN A 76 3.02 2.91 -6.23
C ASN A 76 3.40 1.54 -6.72
N LEU A 77 4.41 1.50 -7.58
CA LEU A 77 4.90 0.27 -8.12
C LEU A 77 5.77 -0.45 -7.11
N HIS A 78 6.36 0.32 -6.20
CA HIS A 78 7.07 -0.26 -5.07
C HIS A 78 6.09 -0.99 -4.17
N LYS A 79 4.94 -0.36 -3.97
CA LYS A 79 3.89 -0.94 -3.13
C LYS A 79 3.31 -2.15 -3.84
N LYS A 80 3.28 -2.07 -5.17
CA LYS A 80 2.86 -3.18 -6.01
C LYS A 80 3.88 -4.32 -5.97
N ARG A 81 5.16 -3.97 -5.85
CA ARG A 81 6.22 -4.96 -5.75
C ARG A 81 6.04 -5.87 -4.54
N HIS A 82 5.61 -5.27 -3.43
CA HIS A 82 5.45 -6.01 -2.17
C HIS A 82 4.46 -7.17 -2.31
N SER A 83 3.38 -6.95 -3.04
CA SER A 83 2.33 -7.97 -3.17
C SER A 83 2.32 -8.60 -4.55
N GLY A 84 3.39 -8.40 -5.30
CA GLY A 84 3.45 -8.89 -6.66
C GLY A 84 2.70 -7.97 -7.60
N GLU A 85 1.41 -7.80 -7.33
CA GLU A 85 0.62 -6.80 -8.00
C GLU A 85 0.02 -5.90 -6.94
N ALA A 86 -0.87 -5.02 -7.35
CA ALA A 86 -1.50 -4.09 -6.43
C ALA A 86 -2.92 -3.83 -6.87
N ARG A 87 -3.87 -4.38 -6.12
CA ARG A 87 -5.24 -4.26 -6.50
C ARG A 87 -5.95 -3.19 -5.67
N TYR A 88 -6.28 -3.56 -4.44
CA TYR A 88 -7.01 -2.68 -3.54
C TYR A 88 -6.06 -1.86 -2.68
N ARG A 89 -6.51 -0.70 -2.23
CA ARG A 89 -5.79 0.06 -1.24
C ARG A 89 -6.53 -0.01 0.05
N CYS A 90 -5.80 0.15 1.11
CA CYS A 90 -6.40 0.45 2.38
C CYS A 90 -6.91 1.86 2.27
N GLU A 91 -8.21 2.05 2.39
CA GLU A 91 -8.84 3.36 2.20
C GLU A 91 -8.28 4.41 3.15
N ASP A 92 -7.43 3.99 4.07
CA ASP A 92 -6.91 4.89 5.07
C ASP A 92 -5.41 5.09 4.92
N CYS A 93 -4.67 4.04 4.53
CA CYS A 93 -3.25 4.14 4.56
C CYS A 93 -2.63 3.67 3.23
N GLY A 94 -3.51 3.35 2.28
CA GLY A 94 -3.12 3.12 0.90
C GLY A 94 -2.17 1.97 0.70
N LYS A 95 -2.38 0.90 1.44
CA LYS A 95 -1.63 -0.32 1.22
C LYS A 95 -2.34 -1.14 0.18
N LEU A 96 -1.60 -1.66 -0.75
CA LEU A 96 -2.20 -2.34 -1.88
C LEU A 96 -2.30 -3.84 -1.65
N PHE A 97 -3.51 -4.30 -1.37
CA PHE A 97 -3.75 -5.71 -1.14
C PHE A 97 -4.34 -6.34 -2.39
N THR A 98 -3.93 -7.56 -2.65
CA THR A 98 -4.38 -8.26 -3.83
C THR A 98 -5.60 -9.10 -3.53
N THR A 99 -6.10 -8.90 -2.32
CA THR A 99 -7.31 -9.53 -1.88
C THR A 99 -8.07 -8.57 -0.97
N SER A 100 -9.35 -8.39 -1.27
CA SER A 100 -10.19 -7.44 -0.57
C SER A 100 -10.41 -7.88 0.87
N GLY A 101 -10.33 -9.18 1.09
CA GLY A 101 -10.43 -9.72 2.43
C GLY A 101 -9.17 -9.51 3.24
N ASN A 102 -8.01 -9.75 2.63
CA ASN A 102 -6.74 -9.42 3.27
C ASN A 102 -6.75 -7.97 3.61
N LEU A 103 -7.31 -7.22 2.69
CA LEU A 103 -7.42 -5.82 2.83
C LEU A 103 -8.32 -5.50 4.01
N LYS A 104 -9.53 -6.04 3.93
CA LYS A 104 -10.56 -5.88 4.94
C LYS A 104 -10.05 -6.11 6.35
N ARG A 105 -9.35 -7.22 6.56
CA ARG A 105 -8.79 -7.52 7.88
C ARG A 105 -7.85 -6.41 8.32
N HIS A 106 -7.13 -5.87 7.35
CA HIS A 106 -6.23 -4.75 7.57
C HIS A 106 -6.99 -3.43 7.70
N GLN A 107 -8.24 -3.40 7.26
CA GLN A 107 -9.03 -2.20 7.34
C GLN A 107 -9.62 -2.17 8.73
N LEU A 108 -9.78 -3.37 9.24
CA LEU A 108 -10.40 -3.62 10.52
C LEU A 108 -9.42 -3.45 11.64
N VAL A 109 -8.17 -3.31 11.32
CA VAL A 109 -7.21 -2.99 12.34
C VAL A 109 -7.23 -1.50 12.58
N HIS A 110 -7.79 -0.78 11.62
CA HIS A 110 -7.96 0.67 11.75
C HIS A 110 -9.31 0.99 12.39
N SER A 111 -10.16 -0.04 12.48
CA SER A 111 -11.50 0.11 13.03
C SER A 111 -11.87 -1.15 13.82
N GLY A 112 -10.88 -1.70 14.49
CA GLY A 112 -11.03 -3.00 15.11
C GLY A 112 -10.04 -3.18 16.23
ZN ZN B . 7.03 -0.70 0.82
ZN ZN C . -4.25 0.40 6.60
N LYS A 58 4.96 15.67 -1.44
CA LYS A 58 5.18 14.74 -0.32
C LYS A 58 5.84 13.46 -0.80
N PRO A 59 7.03 13.15 -0.28
CA PRO A 59 7.67 11.86 -0.50
C PRO A 59 6.82 10.74 0.06
N TYR A 60 6.43 9.87 -0.84
CA TYR A 60 5.57 8.75 -0.51
C TYR A 60 6.42 7.51 -0.28
N GLY A 61 6.66 7.19 0.98
CA GLY A 61 7.60 6.15 1.28
C GLY A 61 6.98 4.92 1.90
N CYS A 62 7.54 3.79 1.52
CA CYS A 62 7.12 2.50 2.02
C CYS A 62 7.31 2.41 3.53
N GLU A 63 6.26 1.95 4.22
CA GLU A 63 6.28 1.83 5.68
C GLU A 63 7.11 0.62 6.12
N GLU A 64 7.37 -0.28 5.18
CA GLU A 64 8.05 -1.53 5.50
C GLU A 64 9.56 -1.43 5.33
N CYS A 65 10.00 -0.71 4.32
CA CYS A 65 11.40 -0.72 3.93
C CYS A 65 11.92 0.71 3.90
N GLY A 66 11.04 1.63 4.25
CA GLY A 66 11.40 3.01 4.45
C GLY A 66 12.00 3.69 3.23
N LYS A 67 11.48 3.36 2.05
CA LYS A 67 11.97 3.97 0.81
C LYS A 67 10.91 4.90 0.24
N SER A 68 11.25 6.19 0.15
CA SER A 68 10.30 7.17 -0.34
C SER A 68 10.34 7.29 -1.86
N TYR A 69 9.16 7.47 -2.44
CA TYR A 69 9.02 7.73 -3.85
C TYR A 69 8.34 9.07 -4.06
N ARG A 70 8.78 9.78 -5.09
CA ARG A 70 8.25 11.11 -5.38
C ARG A 70 6.81 11.06 -5.89
N LEU A 71 6.37 9.90 -6.35
CA LEU A 71 5.03 9.79 -6.90
C LEU A 71 4.26 8.66 -6.25
N ILE A 72 2.95 8.68 -6.42
CA ILE A 72 2.09 7.66 -5.86
C ILE A 72 2.21 6.36 -6.64
N SER A 73 2.06 6.45 -7.96
CA SER A 73 2.17 5.27 -8.81
C SER A 73 3.58 4.70 -8.74
N LEU A 74 4.53 5.56 -8.44
CA LEU A 74 5.89 5.17 -8.18
C LEU A 74 5.98 4.19 -7.02
N LEU A 75 5.50 4.63 -5.90
CA LEU A 75 5.53 3.84 -4.69
C LEU A 75 4.51 2.72 -4.80
N ASN A 76 3.56 2.94 -5.68
CA ASN A 76 2.52 1.96 -5.95
C ASN A 76 3.16 0.78 -6.66
N LEU A 77 4.08 1.09 -7.56
CA LEU A 77 4.80 0.07 -8.28
C LEU A 77 5.92 -0.49 -7.44
N HIS A 78 6.35 0.28 -6.45
CA HIS A 78 7.28 -0.21 -5.44
C HIS A 78 6.58 -1.23 -4.57
N LYS A 79 5.33 -0.95 -4.23
CA LYS A 79 4.54 -1.84 -3.42
C LYS A 79 4.16 -3.05 -4.26
N LYS A 80 3.87 -2.79 -5.52
CA LYS A 80 3.61 -3.82 -6.51
C LYS A 80 4.85 -4.68 -6.70
N ARG A 81 6.02 -4.08 -6.52
CA ARG A 81 7.28 -4.81 -6.63
C ARG A 81 7.40 -5.87 -5.54
N HIS A 82 7.05 -5.50 -4.31
CA HIS A 82 7.16 -6.40 -3.18
C HIS A 82 6.09 -7.48 -3.21
N SER A 83 4.83 -7.06 -3.37
CA SER A 83 3.71 -7.97 -3.25
C SER A 83 3.39 -8.68 -4.57
N GLY A 84 4.29 -8.57 -5.54
CA GLY A 84 4.05 -9.17 -6.84
C GLY A 84 3.21 -8.28 -7.71
N GLU A 85 2.05 -7.91 -7.19
CA GLU A 85 1.22 -6.91 -7.81
C GLU A 85 0.72 -5.95 -6.75
N ALA A 86 -0.06 -4.99 -7.16
CA ALA A 86 -0.67 -4.03 -6.24
C ALA A 86 -2.09 -3.76 -6.69
N ARG A 87 -3.04 -4.29 -5.94
CA ARG A 87 -4.42 -4.25 -6.35
C ARG A 87 -5.17 -3.15 -5.60
N TYR A 88 -5.57 -3.46 -4.40
CA TYR A 88 -6.28 -2.51 -3.56
C TYR A 88 -5.33 -1.80 -2.64
N ARG A 89 -5.66 -0.61 -2.24
CA ARG A 89 -4.95 0.04 -1.16
C ARG A 89 -5.94 0.41 -0.10
N CYS A 90 -5.44 0.49 1.10
CA CYS A 90 -6.20 0.98 2.21
C CYS A 90 -6.51 2.45 1.97
N GLU A 91 -7.79 2.78 1.87
CA GLU A 91 -8.23 4.15 1.65
C GLU A 91 -7.79 5.09 2.77
N ASP A 92 -7.12 4.53 3.76
CA ASP A 92 -6.73 5.31 4.92
C ASP A 92 -5.22 5.47 5.01
N CYS A 93 -4.46 4.41 4.74
CA CYS A 93 -3.04 4.46 5.00
C CYS A 93 -2.23 3.98 3.79
N GLY A 94 -2.96 3.55 2.75
CA GLY A 94 -2.38 3.29 1.45
C GLY A 94 -1.53 2.04 1.38
N LYS A 95 -1.97 1.00 2.06
CA LYS A 95 -1.32 -0.28 1.97
C LYS A 95 -1.96 -1.10 0.88
N LEU A 96 -1.14 -1.68 0.01
CA LEU A 96 -1.65 -2.38 -1.14
C LEU A 96 -1.89 -3.85 -0.83
N PHE A 97 -3.13 -4.28 -0.99
CA PHE A 97 -3.47 -5.67 -0.79
C PHE A 97 -3.95 -6.27 -2.08
N THR A 98 -3.48 -7.47 -2.34
CA THR A 98 -3.82 -8.17 -3.55
C THR A 98 -5.13 -8.92 -3.38
N THR A 99 -5.64 -8.84 -2.17
CA THR A 99 -6.92 -9.40 -1.85
C THR A 99 -7.72 -8.37 -1.06
N SER A 100 -8.95 -8.13 -1.49
CA SER A 100 -9.82 -7.13 -0.88
C SER A 100 -10.23 -7.56 0.51
N GLY A 101 -10.18 -8.87 0.77
CA GLY A 101 -10.44 -9.38 2.10
C GLY A 101 -9.30 -9.09 3.07
N ASN A 102 -8.06 -9.35 2.62
CA ASN A 102 -6.88 -8.96 3.39
C ASN A 102 -6.95 -7.50 3.65
N LEU A 103 -7.42 -6.79 2.65
CA LEU A 103 -7.55 -5.38 2.72
C LEU A 103 -8.60 -5.03 3.76
N LYS A 104 -9.76 -5.64 3.59
CA LYS A 104 -10.92 -5.43 4.41
C LYS A 104 -10.63 -5.58 5.89
N ARG A 105 -9.96 -6.66 6.28
CA ARG A 105 -9.66 -6.86 7.69
C ARG A 105 -8.66 -5.80 8.16
N HIS A 106 -7.85 -5.30 7.23
CA HIS A 106 -6.94 -4.21 7.52
C HIS A 106 -7.68 -2.87 7.50
N GLN A 107 -8.87 -2.86 6.95
CA GLN A 107 -9.68 -1.66 6.89
C GLN A 107 -10.39 -1.57 8.22
N LEU A 108 -10.57 -2.76 8.77
CA LEU A 108 -11.29 -2.97 10.00
C LEU A 108 -10.41 -2.73 11.20
N VAL A 109 -9.12 -2.72 11.00
CA VAL A 109 -8.24 -2.41 12.09
C VAL A 109 -8.26 -0.91 12.33
N HIS A 110 -8.71 -0.18 11.32
CA HIS A 110 -8.84 1.26 11.44
C HIS A 110 -10.26 1.65 11.85
N SER A 111 -11.12 0.65 11.98
CA SER A 111 -12.51 0.86 12.35
C SER A 111 -13.03 -0.37 13.09
N GLY A 112 -12.16 -0.95 13.88
CA GLY A 112 -12.45 -2.24 14.50
C GLY A 112 -11.87 -2.32 15.89
ZN ZN B . 8.61 -1.58 0.01
ZN ZN C . -4.65 0.90 6.68
N LYS A 58 11.14 17.07 -5.15
CA LYS A 58 10.88 16.16 -4.02
C LYS A 58 11.17 14.71 -4.40
N PRO A 59 12.12 14.08 -3.69
CA PRO A 59 12.35 12.66 -3.79
C PRO A 59 11.25 11.90 -3.08
N TYR A 60 10.53 11.12 -3.85
CA TYR A 60 9.38 10.40 -3.34
C TYR A 60 9.82 9.06 -2.80
N GLY A 61 10.07 9.00 -1.51
CA GLY A 61 10.63 7.82 -0.94
C GLY A 61 9.67 7.05 -0.09
N CYS A 62 9.84 5.74 -0.14
CA CYS A 62 9.06 4.80 0.63
C CYS A 62 9.25 5.05 2.12
N GLU A 63 8.16 5.31 2.82
CA GLU A 63 8.20 5.55 4.26
C GLU A 63 8.58 4.26 5.00
N GLU A 64 8.43 3.16 4.30
CA GLU A 64 8.61 1.84 4.89
C GLU A 64 10.08 1.44 4.93
N CYS A 65 10.80 1.62 3.83
CA CYS A 65 12.12 1.07 3.70
C CYS A 65 13.14 2.17 3.43
N GLY A 66 12.64 3.28 2.93
CA GLY A 66 13.42 4.48 2.85
C GLY A 66 14.17 4.63 1.55
N LYS A 67 13.53 4.27 0.44
CA LYS A 67 14.13 4.45 -0.88
C LYS A 67 13.38 5.52 -1.64
N SER A 68 14.07 6.59 -2.04
CA SER A 68 13.43 7.70 -2.72
C SER A 68 13.40 7.46 -4.23
N TYR A 69 12.24 7.74 -4.82
CA TYR A 69 12.07 7.58 -6.26
C TYR A 69 11.86 8.93 -6.93
N ARG A 70 12.04 8.93 -8.25
CA ARG A 70 11.87 10.14 -9.04
C ARG A 70 10.39 10.40 -9.31
N LEU A 71 9.66 9.34 -9.62
CA LEU A 71 8.25 9.46 -9.92
C LEU A 71 7.39 8.97 -8.77
N ILE A 72 6.23 9.57 -8.64
CA ILE A 72 5.23 9.10 -7.69
C ILE A 72 4.81 7.70 -8.09
N SER A 73 4.55 7.50 -9.38
CA SER A 73 4.19 6.20 -9.91
C SER A 73 5.31 5.19 -9.66
N LEU A 74 6.54 5.66 -9.81
CA LEU A 74 7.72 4.84 -9.56
C LEU A 74 7.73 4.31 -8.15
N LEU A 75 7.52 5.20 -7.22
CA LEU A 75 7.49 4.86 -5.82
C LEU A 75 6.25 4.05 -5.50
N ASN A 76 5.20 4.31 -6.24
CA ASN A 76 3.94 3.63 -6.05
C ASN A 76 4.06 2.20 -6.52
N LEU A 77 4.86 2.01 -7.55
CA LEU A 77 5.10 0.70 -8.10
C LEU A 77 6.15 -0.02 -7.27
N HIS A 78 6.94 0.76 -6.56
CA HIS A 78 7.86 0.24 -5.56
C HIS A 78 7.04 -0.33 -4.40
N LYS A 79 6.08 0.45 -3.94
CA LYS A 79 5.28 0.07 -2.79
C LYS A 79 4.24 -0.96 -3.21
N LYS A 80 3.98 -1.00 -4.51
CA LYS A 80 3.19 -2.07 -5.10
C LYS A 80 4.00 -3.36 -5.11
N ARG A 81 5.27 -3.27 -5.49
CA ARG A 81 6.10 -4.46 -5.66
C ARG A 81 6.33 -5.19 -4.35
N HIS A 82 6.34 -4.47 -3.22
CA HIS A 82 6.52 -5.08 -1.90
C HIS A 82 5.41 -6.09 -1.61
N SER A 83 4.27 -5.93 -2.25
CA SER A 83 3.15 -6.84 -2.08
C SER A 83 2.80 -7.52 -3.39
N GLY A 84 3.77 -7.54 -4.31
CA GLY A 84 3.52 -8.06 -5.64
C GLY A 84 2.80 -7.06 -6.50
N GLU A 85 1.62 -6.66 -6.05
CA GLU A 85 0.84 -5.63 -6.71
C GLU A 85 -0.04 -4.95 -5.68
N ALA A 86 -0.20 -3.65 -5.80
CA ALA A 86 -1.03 -2.90 -4.89
C ALA A 86 -2.44 -2.81 -5.41
N ARG A 87 -3.27 -3.72 -4.95
CA ARG A 87 -4.65 -3.78 -5.39
C ARG A 87 -5.52 -2.80 -4.61
N TYR A 88 -6.08 -3.29 -3.54
CA TYR A 88 -6.96 -2.51 -2.70
C TYR A 88 -6.19 -1.82 -1.59
N ARG A 89 -6.71 -0.70 -1.14
CA ARG A 89 -6.22 -0.08 0.06
C ARG A 89 -7.26 -0.25 1.13
N CYS A 90 -6.81 -0.23 2.35
CA CYS A 90 -7.70 -0.11 3.47
C CYS A 90 -8.24 1.30 3.46
N GLU A 91 -9.55 1.44 3.41
CA GLU A 91 -10.18 2.76 3.29
C GLU A 91 -9.85 3.66 4.48
N ASP A 92 -9.13 3.11 5.44
CA ASP A 92 -8.85 3.83 6.67
C ASP A 92 -7.36 4.05 6.88
N CYS A 93 -6.52 3.08 6.49
CA CYS A 93 -5.13 3.17 6.83
C CYS A 93 -4.26 2.92 5.61
N GLY A 94 -4.92 2.74 4.46
CA GLY A 94 -4.27 2.65 3.18
C GLY A 94 -3.27 1.51 3.06
N LYS A 95 -3.60 0.38 3.67
CA LYS A 95 -2.82 -0.83 3.46
C LYS A 95 -3.25 -1.46 2.15
N LEU A 96 -2.30 -1.98 1.41
CA LEU A 96 -2.60 -2.55 0.11
C LEU A 96 -2.77 -4.05 0.21
N PHE A 97 -3.98 -4.50 -0.04
CA PHE A 97 -4.28 -5.91 -0.05
C PHE A 97 -4.62 -6.36 -1.44
N THR A 98 -4.05 -7.49 -1.83
CA THR A 98 -4.25 -8.04 -3.14
C THR A 98 -5.59 -8.76 -3.19
N THR A 99 -6.15 -8.97 -2.01
CA THR A 99 -7.42 -9.62 -1.88
C THR A 99 -8.36 -8.71 -1.10
N SER A 100 -9.54 -8.48 -1.67
CA SER A 100 -10.52 -7.61 -1.07
C SER A 100 -11.08 -8.21 0.22
N GLY A 101 -11.04 -9.53 0.33
CA GLY A 101 -11.43 -10.20 1.54
C GLY A 101 -10.38 -10.10 2.63
N ASN A 102 -9.11 -10.26 2.24
CA ASN A 102 -8.00 -10.01 3.16
C ASN A 102 -8.08 -8.59 3.62
N LEU A 103 -8.48 -7.76 2.70
CA LEU A 103 -8.65 -6.38 2.97
C LEU A 103 -9.79 -6.20 3.97
N LYS A 104 -10.95 -6.71 3.57
CA LYS A 104 -12.18 -6.64 4.33
C LYS A 104 -11.98 -7.05 5.78
N ARG A 105 -11.36 -8.20 6.03
CA ARG A 105 -11.14 -8.65 7.40
C ARG A 105 -10.26 -7.65 8.14
N HIS A 106 -9.37 -6.98 7.41
CA HIS A 106 -8.53 -5.94 7.98
C HIS A 106 -9.30 -4.63 8.14
N GLN A 107 -10.40 -4.50 7.43
CA GLN A 107 -11.21 -3.31 7.51
C GLN A 107 -12.07 -3.45 8.74
N LEU A 108 -12.29 -4.71 9.07
CA LEU A 108 -13.14 -5.11 10.16
C LEU A 108 -12.43 -5.05 11.48
N VAL A 109 -11.13 -4.98 11.45
CA VAL A 109 -10.40 -4.79 12.67
C VAL A 109 -10.48 -3.33 13.07
N HIS A 110 -10.87 -2.50 12.10
CA HIS A 110 -11.09 -1.08 12.36
C HIS A 110 -12.53 -0.83 12.78
N SER A 111 -13.39 -1.83 12.57
CA SER A 111 -14.81 -1.72 12.86
C SER A 111 -15.32 -3.03 13.44
N GLY A 112 -14.45 -3.67 14.20
CA GLY A 112 -14.72 -5.01 14.67
C GLY A 112 -14.08 -5.25 16.02
ZN ZN B . 9.28 0.03 0.25
ZN ZN C . -6.50 -0.82 7.99
N LYS A 58 7.57 15.14 -5.16
CA LYS A 58 7.23 15.00 -3.72
C LYS A 58 7.73 13.65 -3.22
N PRO A 59 8.47 13.64 -2.10
CA PRO A 59 8.96 12.40 -1.51
C PRO A 59 7.83 11.56 -0.94
N TYR A 60 7.68 10.40 -1.52
CA TYR A 60 6.67 9.43 -1.10
C TYR A 60 7.34 8.11 -0.78
N GLY A 61 7.45 7.80 0.49
CA GLY A 61 8.23 6.66 0.88
C GLY A 61 7.40 5.48 1.35
N CYS A 62 8.05 4.34 1.34
CA CYS A 62 7.46 3.09 1.79
C CYS A 62 7.50 3.02 3.31
N GLU A 63 6.44 2.47 3.89
CA GLU A 63 6.36 2.28 5.33
C GLU A 63 7.03 0.97 5.73
N GLU A 64 7.05 0.04 4.79
CA GLU A 64 7.40 -1.33 5.09
C GLU A 64 8.92 -1.57 4.98
N CYS A 65 9.56 -0.90 4.04
CA CYS A 65 11.01 -1.02 3.89
C CYS A 65 11.65 0.32 4.21
N GLY A 66 10.87 1.36 4.00
CA GLY A 66 11.24 2.67 4.45
C GLY A 66 12.11 3.44 3.49
N LYS A 67 11.88 3.27 2.19
CA LYS A 67 12.59 4.05 1.19
C LYS A 67 11.63 5.02 0.50
N SER A 68 12.07 6.24 0.30
CA SER A 68 11.23 7.28 -0.29
C SER A 68 11.37 7.31 -1.81
N TYR A 69 10.24 7.45 -2.48
CA TYR A 69 10.23 7.55 -3.93
C TYR A 69 9.87 8.95 -4.39
N ARG A 70 10.06 9.18 -5.68
CA ARG A 70 9.85 10.47 -6.30
C ARG A 70 8.38 10.69 -6.66
N LEU A 71 7.75 9.63 -7.16
CA LEU A 71 6.36 9.71 -7.59
C LEU A 71 5.47 8.82 -6.76
N ILE A 72 4.18 9.13 -6.78
CA ILE A 72 3.17 8.28 -6.16
C ILE A 72 3.13 6.93 -6.86
N SER A 73 3.03 6.96 -8.19
CA SER A 73 2.96 5.73 -8.97
C SER A 73 4.28 4.98 -8.88
N LEU A 74 5.37 5.71 -8.66
CA LEU A 74 6.66 5.11 -8.45
C LEU A 74 6.65 4.24 -7.21
N LEU A 75 6.22 4.84 -6.12
CA LEU A 75 6.14 4.15 -4.85
C LEU A 75 5.04 3.11 -4.89
N ASN A 76 4.06 3.39 -5.73
CA ASN A 76 2.92 2.51 -5.91
C ASN A 76 3.37 1.23 -6.57
N LEU A 77 4.28 1.35 -7.52
CA LEU A 77 4.82 0.21 -8.21
C LEU A 77 5.90 -0.44 -7.36
N HIS A 78 6.41 0.33 -6.43
CA HIS A 78 7.31 -0.19 -5.41
C HIS A 78 6.55 -1.10 -4.47
N LYS A 79 5.37 -0.65 -4.04
CA LYS A 79 4.57 -1.41 -3.10
C LYS A 79 3.81 -2.51 -3.82
N LYS A 80 3.65 -2.33 -5.13
CA LYS A 80 3.16 -3.40 -5.98
C LYS A 80 4.25 -4.46 -6.13
N ARG A 81 5.50 -4.02 -6.24
CA ARG A 81 6.63 -4.93 -6.41
C ARG A 81 6.75 -5.93 -5.26
N HIS A 82 6.58 -5.45 -4.02
CA HIS A 82 6.71 -6.32 -2.85
C HIS A 82 5.60 -7.36 -2.80
N SER A 83 4.43 -7.02 -3.35
CA SER A 83 3.27 -7.89 -3.25
C SER A 83 2.99 -8.59 -4.57
N GLY A 84 3.91 -8.48 -5.51
CA GLY A 84 3.70 -9.02 -6.83
C GLY A 84 2.85 -8.10 -7.68
N GLU A 85 1.64 -7.82 -7.20
CA GLU A 85 0.79 -6.82 -7.81
C GLU A 85 0.24 -5.92 -6.72
N ALA A 86 -0.72 -5.10 -7.07
CA ALA A 86 -1.32 -4.17 -6.13
C ALA A 86 -2.75 -3.88 -6.54
N ARG A 87 -3.68 -4.56 -5.91
CA ARG A 87 -5.05 -4.53 -6.35
C ARG A 87 -5.85 -3.46 -5.63
N TYR A 88 -6.20 -3.76 -4.40
CA TYR A 88 -6.95 -2.85 -3.55
C TYR A 88 -6.00 -2.06 -2.70
N ARG A 89 -6.38 -0.85 -2.33
CA ARG A 89 -5.64 -0.14 -1.32
C ARG A 89 -6.57 0.21 -0.20
N CYS A 90 -5.99 0.35 0.95
CA CYS A 90 -6.65 0.96 2.06
C CYS A 90 -6.82 2.42 1.73
N GLU A 91 -8.04 2.86 1.46
CA GLU A 91 -8.28 4.27 1.12
C GLU A 91 -8.04 5.17 2.34
N ASP A 92 -7.43 4.57 3.34
CA ASP A 92 -7.10 5.27 4.56
C ASP A 92 -5.60 5.51 4.63
N CYS A 93 -4.78 4.50 4.34
CA CYS A 93 -3.35 4.63 4.52
C CYS A 93 -2.59 4.17 3.27
N GLY A 94 -3.35 3.62 2.31
CA GLY A 94 -2.84 3.34 0.99
C GLY A 94 -1.97 2.10 0.91
N LYS A 95 -2.35 1.08 1.62
CA LYS A 95 -1.69 -0.20 1.54
C LYS A 95 -2.40 -1.06 0.52
N LEU A 96 -1.63 -1.62 -0.40
CA LEU A 96 -2.21 -2.34 -1.53
C LEU A 96 -2.29 -3.83 -1.21
N PHE A 97 -3.52 -4.33 -1.14
CA PHE A 97 -3.75 -5.73 -0.89
C PHE A 97 -4.26 -6.40 -2.15
N THR A 98 -3.80 -7.60 -2.36
CA THR A 98 -4.17 -8.36 -3.54
C THR A 98 -5.36 -9.25 -3.23
N THR A 99 -5.96 -8.96 -2.10
CA THR A 99 -7.15 -9.63 -1.65
C THR A 99 -7.96 -8.64 -0.81
N SER A 100 -9.24 -8.50 -1.15
CA SER A 100 -10.11 -7.58 -0.47
C SER A 100 -10.35 -8.02 0.97
N GLY A 101 -10.26 -9.32 1.22
CA GLY A 101 -10.35 -9.82 2.58
C GLY A 101 -9.14 -9.45 3.41
N ASN A 102 -7.94 -9.57 2.83
CA ASN A 102 -6.71 -9.11 3.48
C ASN A 102 -6.84 -7.64 3.75
N LEU A 103 -7.45 -6.98 2.79
CA LEU A 103 -7.66 -5.58 2.87
C LEU A 103 -8.61 -5.29 4.00
N LYS A 104 -9.77 -5.95 3.95
CA LYS A 104 -10.83 -5.81 4.92
C LYS A 104 -10.33 -5.93 6.35
N ARG A 105 -9.59 -6.99 6.65
CA ARG A 105 -9.10 -7.17 8.00
C ARG A 105 -8.18 -6.01 8.40
N HIS A 106 -7.51 -5.43 7.41
CA HIS A 106 -6.66 -4.26 7.62
C HIS A 106 -7.51 -2.97 7.68
N GLN A 107 -8.71 -3.04 7.18
CA GLN A 107 -9.60 -1.88 7.14
C GLN A 107 -10.24 -1.78 8.51
N LEU A 108 -10.28 -2.94 9.15
CA LEU A 108 -10.88 -3.10 10.46
C LEU A 108 -9.92 -2.72 11.53
N VAL A 109 -8.64 -2.85 11.28
CA VAL A 109 -7.68 -2.48 12.29
C VAL A 109 -7.74 -0.98 12.53
N HIS A 110 -8.27 -0.27 11.54
CA HIS A 110 -8.39 1.18 11.65
C HIS A 110 -9.71 1.58 12.33
N SER A 111 -10.53 0.61 12.68
CA SER A 111 -11.81 0.87 13.31
C SER A 111 -12.32 -0.41 13.96
N GLY A 112 -11.38 -1.13 14.56
CA GLY A 112 -11.66 -2.44 15.09
C GLY A 112 -10.92 -2.68 16.38
ZN ZN B . 8.71 -1.31 0.30
ZN ZN C . -4.79 1.10 6.40
N LYS A 58 10.35 14.16 -8.43
CA LYS A 58 9.97 14.71 -7.11
C LYS A 58 9.98 13.60 -6.08
N PRO A 59 10.32 13.93 -4.82
CA PRO A 59 10.35 12.93 -3.75
C PRO A 59 8.96 12.41 -3.45
N TYR A 60 8.81 11.14 -3.69
CA TYR A 60 7.58 10.42 -3.39
C TYR A 60 7.91 9.18 -2.60
N GLY A 61 7.79 9.27 -1.30
CA GLY A 61 8.27 8.21 -0.47
C GLY A 61 7.17 7.33 0.04
N CYS A 62 7.53 6.09 0.27
CA CYS A 62 6.65 5.12 0.87
C CYS A 62 6.57 5.40 2.36
N GLU A 63 5.52 6.09 2.79
CA GLU A 63 5.31 6.37 4.21
C GLU A 63 5.07 5.07 4.96
N GLU A 64 4.98 4.01 4.19
CA GLU A 64 4.71 2.67 4.68
C GLU A 64 5.98 1.99 5.18
N CYS A 65 7.10 2.20 4.49
CA CYS A 65 8.34 1.52 4.84
C CYS A 65 9.48 2.51 4.97
N GLY A 66 9.26 3.72 4.47
CA GLY A 66 10.18 4.81 4.69
C GLY A 66 11.22 4.97 3.59
N LYS A 67 10.89 4.53 2.39
CA LYS A 67 11.77 4.74 1.24
C LYS A 67 11.15 5.72 0.25
N SER A 68 11.82 6.83 0.00
CA SER A 68 11.32 7.82 -0.95
C SER A 68 11.80 7.50 -2.36
N TYR A 69 10.91 7.64 -3.33
CA TYR A 69 11.24 7.42 -4.73
C TYR A 69 11.19 8.70 -5.53
N ARG A 70 11.59 8.61 -6.79
CA ARG A 70 11.74 9.78 -7.64
C ARG A 70 10.49 10.01 -8.49
N LEU A 71 9.87 8.93 -8.96
CA LEU A 71 8.66 9.05 -9.74
C LEU A 71 7.48 8.49 -8.98
N ILE A 72 6.27 8.86 -9.39
CA ILE A 72 5.06 8.29 -8.81
C ILE A 72 4.98 6.80 -9.15
N SER A 73 5.18 6.49 -10.42
CA SER A 73 5.15 5.10 -10.87
C SER A 73 6.24 4.29 -10.19
N LEU A 74 7.39 4.92 -9.94
CA LEU A 74 8.46 4.31 -9.20
C LEU A 74 7.99 3.80 -7.85
N LEU A 75 7.42 4.71 -7.11
CA LEU A 75 6.95 4.43 -5.78
C LEU A 75 5.75 3.50 -5.87
N ASN A 76 5.03 3.64 -6.95
CA ASN A 76 3.81 2.89 -7.17
C ASN A 76 4.15 1.45 -7.41
N LEU A 77 5.18 1.23 -8.22
CA LEU A 77 5.60 -0.08 -8.56
C LEU A 77 6.45 -0.67 -7.46
N HIS A 78 7.02 0.20 -6.63
CA HIS A 78 7.67 -0.25 -5.40
C HIS A 78 6.64 -0.85 -4.48
N LYS A 79 5.49 -0.18 -4.39
CA LYS A 79 4.40 -0.66 -3.58
C LYS A 79 3.85 -1.95 -4.19
N LYS A 80 3.93 -2.04 -5.52
CA LYS A 80 3.68 -3.29 -6.20
C LYS A 80 4.67 -4.37 -5.79
N ARG A 81 5.96 -4.02 -5.77
CA ARG A 81 7.03 -4.97 -5.46
C ARG A 81 6.80 -5.67 -4.11
N HIS A 82 6.09 -5.01 -3.22
CA HIS A 82 5.79 -5.56 -1.90
C HIS A 82 4.90 -6.80 -1.99
N SER A 83 3.85 -6.75 -2.80
CA SER A 83 2.90 -7.85 -2.88
C SER A 83 2.63 -8.28 -4.31
N GLY A 84 3.61 -8.13 -5.17
CA GLY A 84 3.44 -8.41 -6.58
C GLY A 84 2.73 -7.27 -7.29
N GLU A 85 1.55 -6.94 -6.81
CA GLU A 85 0.83 -5.79 -7.27
C GLU A 85 0.23 -5.06 -6.08
N ALA A 86 -0.58 -4.07 -6.37
CA ALA A 86 -1.24 -3.27 -5.35
C ALA A 86 -2.62 -2.88 -5.83
N ARG A 87 -3.62 -3.60 -5.37
CA ARG A 87 -4.97 -3.48 -5.91
C ARG A 87 -5.82 -2.53 -5.08
N TYR A 88 -6.33 -3.06 -3.98
CA TYR A 88 -7.20 -2.31 -3.08
C TYR A 88 -6.37 -1.58 -2.06
N ARG A 89 -6.89 -0.49 -1.52
CA ARG A 89 -6.24 0.12 -0.38
C ARG A 89 -7.20 0.24 0.77
N CYS A 90 -6.63 0.19 1.95
CA CYS A 90 -7.36 0.45 3.17
C CYS A 90 -7.87 1.89 3.11
N GLU A 91 -9.17 2.06 3.25
CA GLU A 91 -9.77 3.38 3.14
C GLU A 91 -9.42 4.24 4.35
N ASP A 92 -8.56 3.72 5.20
CA ASP A 92 -8.17 4.43 6.40
C ASP A 92 -6.69 4.78 6.39
N CYS A 93 -5.83 3.85 5.97
CA CYS A 93 -4.41 4.06 6.12
C CYS A 93 -3.70 3.79 4.80
N GLY A 94 -4.48 3.44 3.79
CA GLY A 94 -3.99 3.31 2.44
C GLY A 94 -3.05 2.15 2.24
N LYS A 95 -3.34 1.06 2.92
CA LYS A 95 -2.63 -0.17 2.76
C LYS A 95 -3.15 -0.92 1.56
N LEU A 96 -2.27 -1.28 0.65
CA LEU A 96 -2.68 -1.92 -0.59
C LEU A 96 -2.74 -3.43 -0.44
N PHE A 97 -3.88 -4.00 -0.78
CA PHE A 97 -4.06 -5.43 -0.74
C PHE A 97 -4.50 -5.95 -2.09
N THR A 98 -3.99 -7.10 -2.45
CA THR A 98 -4.29 -7.70 -3.74
C THR A 98 -5.52 -8.56 -3.63
N THR A 99 -6.12 -8.52 -2.45
CA THR A 99 -7.32 -9.23 -2.17
C THR A 99 -8.19 -8.40 -1.23
N SER A 100 -9.45 -8.21 -1.61
CA SER A 100 -10.38 -7.39 -0.86
C SER A 100 -10.69 -8.01 0.49
N GLY A 101 -10.59 -9.33 0.58
CA GLY A 101 -10.78 -10.00 1.85
C GLY A 101 -9.58 -9.82 2.75
N ASN A 102 -8.38 -9.91 2.19
CA ASN A 102 -7.17 -9.62 2.94
C ASN A 102 -7.25 -8.20 3.42
N LEU A 103 -7.79 -7.39 2.55
CA LEU A 103 -7.97 -6.00 2.82
C LEU A 103 -8.96 -5.83 3.96
N LYS A 104 -10.09 -6.49 3.80
CA LYS A 104 -11.18 -6.48 4.76
C LYS A 104 -10.69 -6.80 6.16
N ARG A 105 -9.90 -7.86 6.29
CA ARG A 105 -9.35 -8.22 7.58
C ARG A 105 -8.57 -7.06 8.17
N HIS A 106 -7.76 -6.43 7.34
CA HIS A 106 -6.97 -5.29 7.75
C HIS A 106 -7.86 -4.07 8.02
N GLN A 107 -9.08 -4.08 7.52
CA GLN A 107 -10.00 -2.99 7.73
C GLN A 107 -10.64 -3.20 9.09
N LEU A 108 -10.71 -4.47 9.45
CA LEU A 108 -11.36 -4.93 10.66
C LEU A 108 -10.45 -4.79 11.84
N VAL A 109 -9.18 -4.68 11.60
CA VAL A 109 -8.26 -4.47 12.67
C VAL A 109 -8.34 -3.02 13.12
N HIS A 110 -8.86 -2.17 12.24
CA HIS A 110 -9.03 -0.77 12.57
C HIS A 110 -10.38 -0.51 13.26
N SER A 111 -11.23 -1.53 13.27
CA SER A 111 -12.58 -1.39 13.82
C SER A 111 -13.14 -2.76 14.20
N GLY A 112 -12.30 -3.58 14.79
CA GLY A 112 -12.66 -4.95 15.07
C GLY A 112 -12.70 -5.25 16.55
ZN ZN B . 6.97 0.34 0.44
ZN ZN C . -5.33 0.11 7.46
N LYS A 58 9.15 15.44 -5.85
CA LYS A 58 9.16 15.40 -4.36
C LYS A 58 9.52 14.00 -3.90
N PRO A 59 10.42 13.89 -2.90
CA PRO A 59 10.78 12.60 -2.32
C PRO A 59 9.56 11.93 -1.69
N TYR A 60 9.24 10.79 -2.24
CA TYR A 60 8.15 9.96 -1.75
C TYR A 60 8.71 8.61 -1.37
N GLY A 61 8.94 8.40 -0.09
CA GLY A 61 9.64 7.22 0.31
C GLY A 61 8.81 6.26 1.12
N CYS A 62 9.09 5.00 0.88
CA CYS A 62 8.46 3.91 1.58
C CYS A 62 8.88 3.92 3.04
N GLU A 63 7.97 4.31 3.93
CA GLU A 63 8.25 4.30 5.37
C GLU A 63 8.45 2.87 5.87
N GLU A 64 8.22 1.92 4.98
CA GLU A 64 8.30 0.51 5.27
C GLU A 64 9.73 -0.01 5.15
N CYS A 65 10.44 0.42 4.11
CA CYS A 65 11.74 -0.14 3.81
C CYS A 65 12.78 0.97 3.65
N GLY A 66 12.29 2.17 3.43
CA GLY A 66 13.13 3.34 3.48
C GLY A 66 13.74 3.74 2.14
N LYS A 67 13.06 3.42 1.05
CA LYS A 67 13.49 3.89 -0.27
C LYS A 67 12.58 5.01 -0.74
N SER A 68 13.16 6.16 -1.08
CA SER A 68 12.38 7.28 -1.57
C SER A 68 12.38 7.33 -3.09
N TYR A 69 11.24 7.69 -3.63
CA TYR A 69 11.07 7.81 -5.06
C TYR A 69 10.61 9.22 -5.42
N ARG A 70 11.03 9.67 -6.59
CA ARG A 70 10.71 11.02 -7.05
C ARG A 70 9.27 11.12 -7.54
N LEU A 71 8.73 10.04 -8.11
CA LEU A 71 7.34 10.05 -8.55
C LEU A 71 6.47 9.27 -7.59
N ILE A 72 5.20 9.63 -7.53
CA ILE A 72 4.22 8.86 -6.78
C ILE A 72 4.06 7.47 -7.39
N SER A 73 3.86 7.42 -8.71
CA SER A 73 3.68 6.16 -9.41
C SER A 73 4.92 5.28 -9.28
N LEU A 74 6.06 5.91 -9.09
CA LEU A 74 7.30 5.23 -8.83
C LEU A 74 7.23 4.42 -7.55
N LEU A 75 6.90 5.11 -6.49
CA LEU A 75 6.80 4.53 -5.17
C LEU A 75 5.59 3.63 -5.11
N ASN A 76 4.65 3.94 -5.96
CA ASN A 76 3.41 3.19 -6.05
C ASN A 76 3.70 1.82 -6.60
N LEU A 77 4.59 1.77 -7.59
CA LEU A 77 4.98 0.52 -8.19
C LEU A 77 6.03 -0.17 -7.34
N HIS A 78 6.67 0.60 -6.49
CA HIS A 78 7.56 0.06 -5.48
C HIS A 78 6.73 -0.73 -4.47
N LYS A 79 5.63 -0.13 -4.04
CA LYS A 79 4.74 -0.76 -3.08
C LYS A 79 4.01 -1.91 -3.73
N LYS A 80 3.63 -1.71 -4.99
CA LYS A 80 3.04 -2.78 -5.79
C LYS A 80 4.01 -3.94 -5.91
N ARG A 81 5.30 -3.65 -6.04
CA ARG A 81 6.31 -4.69 -6.22
C ARG A 81 6.45 -5.58 -4.98
N HIS A 82 6.17 -5.03 -3.80
CA HIS A 82 6.30 -5.81 -2.57
C HIS A 82 5.25 -6.91 -2.50
N SER A 83 3.99 -6.55 -2.72
CA SER A 83 2.90 -7.52 -2.64
C SER A 83 2.60 -8.13 -4.02
N GLY A 84 3.52 -7.95 -4.96
CA GLY A 84 3.35 -8.51 -6.28
C GLY A 84 2.54 -7.60 -7.17
N GLU A 85 1.43 -7.12 -6.65
CA GLU A 85 0.59 -6.18 -7.34
C GLU A 85 -0.20 -5.38 -6.32
N ALA A 86 -0.51 -4.15 -6.67
CA ALA A 86 -1.32 -3.31 -5.82
C ALA A 86 -2.76 -3.32 -6.29
N ARG A 87 -3.53 -4.24 -5.74
CA ARG A 87 -4.91 -4.39 -6.13
C ARG A 87 -5.80 -3.44 -5.35
N TYR A 88 -6.28 -3.92 -4.24
CA TYR A 88 -7.12 -3.14 -3.37
C TYR A 88 -6.28 -2.33 -2.43
N ARG A 89 -6.75 -1.18 -2.01
CA ARG A 89 -6.12 -0.46 -0.95
C ARG A 89 -7.11 -0.16 0.15
N CYS A 90 -6.60 -0.13 1.35
CA CYS A 90 -7.38 0.28 2.50
C CYS A 90 -7.93 1.65 2.24
N GLU A 91 -9.25 1.76 2.27
CA GLU A 91 -9.92 3.02 1.97
C GLU A 91 -9.64 4.07 3.03
N ASP A 92 -8.77 3.75 3.96
CA ASP A 92 -8.43 4.65 5.03
C ASP A 92 -6.95 5.01 5.05
N CYS A 93 -6.06 4.04 4.81
CA CYS A 93 -4.65 4.31 5.01
C CYS A 93 -3.82 3.86 3.80
N GLY A 94 -4.49 3.28 2.82
CA GLY A 94 -3.89 2.97 1.54
C GLY A 94 -2.96 1.77 1.58
N LYS A 95 -3.35 0.76 2.33
CA LYS A 95 -2.70 -0.50 2.36
C LYS A 95 -3.17 -1.37 1.21
N LEU A 96 -2.25 -1.87 0.41
CA LEU A 96 -2.60 -2.62 -0.78
C LEU A 96 -2.69 -4.11 -0.48
N PHE A 97 -3.84 -4.69 -0.82
CA PHE A 97 -4.06 -6.12 -0.64
C PHE A 97 -4.49 -6.74 -1.95
N THR A 98 -4.10 -7.98 -2.14
CA THR A 98 -4.43 -8.71 -3.35
C THR A 98 -5.67 -9.57 -3.12
N THR A 99 -6.29 -9.33 -1.99
CA THR A 99 -7.52 -9.99 -1.62
C THR A 99 -8.38 -9.04 -0.82
N SER A 100 -9.63 -8.90 -1.22
CA SER A 100 -10.54 -7.94 -0.61
C SER A 100 -10.89 -8.34 0.81
N GLY A 101 -10.88 -9.63 1.09
CA GLY A 101 -11.12 -10.11 2.44
C GLY A 101 -9.93 -9.92 3.35
N ASN A 102 -8.73 -10.08 2.81
CA ASN A 102 -7.52 -9.78 3.58
C ASN A 102 -7.50 -8.30 3.83
N LEU A 103 -7.95 -7.59 2.83
CA LEU A 103 -8.05 -6.19 2.89
C LEU A 103 -9.01 -5.81 3.98
N LYS A 104 -10.19 -6.41 3.90
CA LYS A 104 -11.27 -6.22 4.83
C LYS A 104 -10.81 -6.44 6.27
N ARG A 105 -10.05 -7.49 6.51
CA ARG A 105 -9.48 -7.74 7.83
C ARG A 105 -8.77 -6.49 8.33
N HIS A 106 -7.95 -5.92 7.46
CA HIS A 106 -7.18 -4.72 7.77
C HIS A 106 -8.07 -3.47 7.85
N GLN A 107 -9.26 -3.54 7.29
CA GLN A 107 -10.16 -2.41 7.29
C GLN A 107 -10.91 -2.41 8.60
N LEU A 108 -11.03 -3.62 9.14
CA LEU A 108 -11.72 -3.86 10.37
C LEU A 108 -10.89 -3.42 11.51
N VAL A 109 -9.59 -3.61 11.41
CA VAL A 109 -8.70 -3.30 12.50
C VAL A 109 -8.80 -1.82 12.83
N HIS A 110 -9.21 -1.04 11.84
CA HIS A 110 -9.33 0.41 12.04
C HIS A 110 -10.58 0.79 12.85
N SER A 111 -11.44 -0.19 13.12
CA SER A 111 -12.63 0.03 13.93
C SER A 111 -13.08 -1.30 14.53
N GLY A 112 -12.13 -2.18 14.70
CA GLY A 112 -12.39 -3.54 15.14
C GLY A 112 -11.29 -4.04 16.05
ZN ZN B . 8.72 -0.68 0.23
ZN ZN C . -5.59 0.61 6.89
N LYS A 58 6.57 15.13 -5.96
CA LYS A 58 6.83 15.19 -4.51
C LYS A 58 7.62 13.97 -4.05
N PRO A 59 8.78 14.20 -3.41
CA PRO A 59 9.59 13.15 -2.84
C PRO A 59 8.82 12.36 -1.80
N TYR A 60 8.70 11.08 -2.08
CA TYR A 60 8.05 10.14 -1.20
C TYR A 60 9.02 9.02 -0.93
N GLY A 61 8.70 8.16 0.00
CA GLY A 61 9.55 7.02 0.23
C GLY A 61 8.83 5.89 0.91
N CYS A 62 9.30 4.69 0.65
CA CYS A 62 8.72 3.50 1.20
C CYS A 62 8.86 3.48 2.72
N GLU A 63 7.73 3.59 3.40
CA GLU A 63 7.67 3.61 4.86
C GLU A 63 8.23 2.32 5.46
N GLU A 64 8.39 1.32 4.60
CA GLU A 64 8.82 0.00 5.00
C GLU A 64 10.34 -0.18 4.91
N CYS A 65 10.92 0.20 3.77
CA CYS A 65 12.29 -0.15 3.47
C CYS A 65 13.13 1.10 3.37
N GLY A 66 12.45 2.21 3.16
CA GLY A 66 13.06 3.51 3.31
C GLY A 66 13.68 4.07 2.05
N LYS A 67 13.28 3.55 0.90
CA LYS A 67 13.75 4.08 -0.37
C LYS A 67 12.77 5.14 -0.89
N SER A 68 13.28 6.30 -1.25
CA SER A 68 12.44 7.39 -1.74
C SER A 68 12.32 7.36 -3.25
N TYR A 69 11.14 7.75 -3.72
CA TYR A 69 10.88 7.81 -5.16
C TYR A 69 10.44 9.20 -5.59
N ARG A 70 10.76 9.51 -6.83
CA ARG A 70 10.43 10.79 -7.44
C ARG A 70 8.94 10.86 -7.75
N LEU A 71 8.39 9.76 -8.24
CA LEU A 71 6.98 9.72 -8.61
C LEU A 71 6.18 8.96 -7.59
N ILE A 72 4.94 9.36 -7.42
CA ILE A 72 4.04 8.69 -6.49
C ILE A 72 3.70 7.31 -7.02
N SER A 73 3.45 7.24 -8.33
CA SER A 73 3.20 5.98 -8.98
C SER A 73 4.45 5.11 -8.99
N LEU A 74 5.60 5.76 -8.98
CA LEU A 74 6.87 5.07 -8.91
C LEU A 74 6.99 4.31 -7.61
N LEU A 75 6.71 5.01 -6.53
CA LEU A 75 6.70 4.42 -5.22
C LEU A 75 5.52 3.47 -5.09
N ASN A 76 4.46 3.80 -5.80
CA ASN A 76 3.24 3.01 -5.78
C ASN A 76 3.52 1.65 -6.39
N LEU A 77 4.33 1.67 -7.44
CA LEU A 77 4.75 0.47 -8.12
C LEU A 77 5.81 -0.26 -7.33
N HIS A 78 6.48 0.48 -6.46
CA HIS A 78 7.41 -0.11 -5.52
C HIS A 78 6.63 -0.79 -4.39
N LYS A 79 5.53 -0.17 -4.00
CA LYS A 79 4.66 -0.73 -2.97
C LYS A 79 3.96 -1.95 -3.54
N LYS A 80 3.63 -1.85 -4.83
CA LYS A 80 3.13 -2.97 -5.59
C LYS A 80 4.17 -4.09 -5.66
N ARG A 81 5.42 -3.72 -5.93
CA ARG A 81 6.50 -4.68 -6.10
C ARG A 81 6.69 -5.56 -4.86
N HIS A 82 6.60 -4.96 -3.68
CA HIS A 82 6.76 -5.71 -2.44
C HIS A 82 5.59 -6.62 -2.15
N SER A 83 4.40 -6.22 -2.59
CA SER A 83 3.19 -6.94 -2.29
C SER A 83 2.74 -7.80 -3.47
N GLY A 84 3.63 -7.96 -4.45
CA GLY A 84 3.27 -8.67 -5.65
C GLY A 84 2.58 -7.76 -6.64
N GLU A 85 1.47 -7.19 -6.21
CA GLU A 85 0.75 -6.22 -7.00
C GLU A 85 -0.16 -5.41 -6.09
N ALA A 86 -0.31 -4.14 -6.38
CA ALA A 86 -1.16 -3.27 -5.59
C ALA A 86 -2.57 -3.26 -6.16
N ARG A 87 -3.41 -4.11 -5.60
CA ARG A 87 -4.78 -4.22 -6.05
C ARG A 87 -5.65 -3.21 -5.35
N TYR A 88 -6.10 -3.59 -4.18
CA TYR A 88 -6.93 -2.75 -3.35
C TYR A 88 -6.07 -1.96 -2.40
N ARG A 89 -6.59 -0.85 -1.91
CA ARG A 89 -5.95 -0.17 -0.82
C ARG A 89 -6.97 0.05 0.26
N CYS A 90 -6.49 0.05 1.47
CA CYS A 90 -7.29 0.40 2.62
C CYS A 90 -7.75 1.84 2.45
N GLU A 91 -9.05 2.07 2.46
CA GLU A 91 -9.57 3.42 2.21
C GLU A 91 -9.33 4.32 3.42
N ASP A 92 -8.53 3.85 4.35
CA ASP A 92 -8.21 4.61 5.55
C ASP A 92 -6.73 4.88 5.67
N CYS A 93 -5.88 3.90 5.30
CA CYS A 93 -4.47 4.05 5.54
C CYS A 93 -3.69 3.73 4.26
N GLY A 94 -4.44 3.44 3.19
CA GLY A 94 -3.88 3.25 1.88
C GLY A 94 -2.92 2.07 1.77
N LYS A 95 -3.17 1.03 2.54
CA LYS A 95 -2.41 -0.20 2.42
C LYS A 95 -2.92 -1.04 1.27
N LEU A 96 -2.02 -1.56 0.46
CA LEU A 96 -2.42 -2.29 -0.74
C LEU A 96 -2.51 -3.78 -0.45
N PHE A 97 -3.67 -4.34 -0.77
CA PHE A 97 -3.90 -5.76 -0.60
C PHE A 97 -4.37 -6.37 -1.90
N THR A 98 -3.88 -7.57 -2.16
CA THR A 98 -4.19 -8.27 -3.40
C THR A 98 -5.53 -8.99 -3.27
N THR A 99 -5.99 -9.07 -2.05
CA THR A 99 -7.25 -9.70 -1.75
C THR A 99 -8.13 -8.74 -0.98
N SER A 100 -9.36 -8.58 -1.44
CA SER A 100 -10.30 -7.64 -0.85
C SER A 100 -10.72 -8.09 0.54
N GLY A 101 -10.68 -9.39 0.79
CA GLY A 101 -10.98 -9.90 2.11
C GLY A 101 -9.81 -9.75 3.08
N ASN A 102 -8.58 -9.96 2.60
CA ASN A 102 -7.40 -9.66 3.41
C ASN A 102 -7.42 -8.22 3.75
N LEU A 103 -7.81 -7.45 2.74
CA LEU A 103 -7.96 -6.04 2.89
C LEU A 103 -9.00 -5.75 3.95
N LYS A 104 -10.20 -6.26 3.68
CA LYS A 104 -11.34 -6.18 4.57
C LYS A 104 -10.97 -6.40 6.02
N ARG A 105 -10.30 -7.51 6.34
CA ARG A 105 -9.84 -7.73 7.71
C ARG A 105 -9.10 -6.51 8.23
N HIS A 106 -8.15 -6.05 7.43
CA HIS A 106 -7.34 -4.88 7.77
C HIS A 106 -8.20 -3.60 7.82
N GLN A 107 -9.37 -3.62 7.21
CA GLN A 107 -10.24 -2.46 7.17
C GLN A 107 -11.06 -2.47 8.45
N LEU A 108 -11.30 -3.68 8.90
CA LEU A 108 -12.13 -3.95 10.05
C LEU A 108 -11.37 -3.65 11.30
N VAL A 109 -10.07 -3.76 11.27
CA VAL A 109 -9.30 -3.47 12.44
C VAL A 109 -9.34 -1.99 12.73
N HIS A 110 -9.74 -1.21 11.73
CA HIS A 110 -9.88 0.23 11.90
C HIS A 110 -11.25 0.58 12.50
N SER A 111 -12.19 -0.35 12.46
CA SER A 111 -13.56 -0.12 12.93
C SER A 111 -14.27 -1.45 13.15
N GLY A 112 -13.62 -2.32 13.90
CA GLY A 112 -14.10 -3.67 14.05
C GLY A 112 -14.57 -3.95 15.45
ZN ZN B . 9.73 -1.02 -0.09
ZN ZN C . -5.74 0.16 7.08
N LYS A 58 9.93 15.59 -5.17
CA LYS A 58 9.47 15.22 -3.81
C LYS A 58 9.88 13.80 -3.46
N PRO A 59 10.52 13.61 -2.31
CA PRO A 59 10.86 12.28 -1.79
C PRO A 59 9.63 11.59 -1.22
N TYR A 60 9.30 10.48 -1.83
CA TYR A 60 8.17 9.66 -1.41
C TYR A 60 8.67 8.28 -1.04
N GLY A 61 8.76 8.00 0.24
CA GLY A 61 9.40 6.78 0.65
C GLY A 61 8.47 5.78 1.27
N CYS A 62 8.79 4.52 1.01
CA CYS A 62 8.03 3.39 1.48
C CYS A 62 7.99 3.33 3.00
N GLU A 63 6.82 3.03 3.53
CA GLU A 63 6.62 2.90 4.97
C GLU A 63 7.24 1.60 5.47
N GLU A 64 7.23 0.59 4.61
CA GLU A 64 7.48 -0.77 5.01
C GLU A 64 8.97 -1.15 4.90
N CYS A 65 9.66 -0.63 3.90
CA CYS A 65 11.07 -0.93 3.73
C CYS A 65 11.86 0.34 3.94
N GLY A 66 11.23 1.44 3.60
CA GLY A 66 11.77 2.73 3.89
C GLY A 66 12.62 3.30 2.76
N LYS A 67 12.45 2.77 1.56
CA LYS A 67 13.18 3.26 0.40
C LYS A 67 12.38 4.39 -0.25
N SER A 68 13.05 5.51 -0.53
CA SER A 68 12.36 6.69 -1.04
C SER A 68 12.41 6.76 -2.57
N TYR A 69 11.29 7.14 -3.14
CA TYR A 69 11.19 7.37 -4.58
C TYR A 69 10.92 8.83 -4.88
N ARG A 70 10.79 9.16 -6.15
CA ARG A 70 10.53 10.52 -6.56
C ARG A 70 9.07 10.72 -6.92
N LEU A 71 8.50 9.75 -7.60
CA LEU A 71 7.12 9.82 -8.04
C LEU A 71 6.22 9.01 -7.13
N ILE A 72 4.98 9.43 -7.01
CA ILE A 72 3.99 8.68 -6.26
C ILE A 72 3.74 7.34 -6.92
N SER A 73 3.55 7.38 -8.24
CA SER A 73 3.34 6.17 -9.03
C SER A 73 4.57 5.26 -8.95
N LEU A 74 5.74 5.88 -8.89
CA LEU A 74 6.98 5.17 -8.70
C LEU A 74 6.96 4.33 -7.45
N LEU A 75 6.65 4.99 -6.36
CA LEU A 75 6.59 4.36 -5.06
C LEU A 75 5.37 3.47 -4.97
N ASN A 76 4.39 3.79 -5.79
CA ASN A 76 3.15 3.05 -5.85
C ASN A 76 3.38 1.72 -6.51
N LEU A 77 4.26 1.73 -7.51
CA LEU A 77 4.64 0.53 -8.20
C LEU A 77 5.67 -0.23 -7.40
N HIS A 78 6.35 0.49 -6.53
CA HIS A 78 7.22 -0.10 -5.53
C HIS A 78 6.38 -0.89 -4.53
N LYS A 79 5.27 -0.28 -4.13
CA LYS A 79 4.36 -0.89 -3.18
C LYS A 79 3.67 -2.07 -3.85
N LYS A 80 3.34 -1.88 -5.12
CA LYS A 80 2.81 -2.96 -5.95
C LYS A 80 3.83 -4.08 -6.09
N ARG A 81 5.11 -3.72 -6.17
CA ARG A 81 6.17 -4.71 -6.37
C ARG A 81 6.30 -5.64 -5.17
N HIS A 82 6.07 -5.12 -3.96
CA HIS A 82 6.18 -5.93 -2.76
C HIS A 82 5.01 -6.91 -2.64
N SER A 83 3.80 -6.40 -2.84
CA SER A 83 2.61 -7.23 -2.71
C SER A 83 2.48 -8.17 -3.90
N GLY A 84 3.20 -7.85 -4.97
CA GLY A 84 3.07 -8.59 -6.21
C GLY A 84 2.33 -7.76 -7.22
N GLU A 85 1.21 -7.20 -6.78
CA GLU A 85 0.46 -6.24 -7.55
C GLU A 85 -0.46 -5.47 -6.62
N ALA A 86 -0.59 -4.19 -6.86
CA ALA A 86 -1.43 -3.34 -6.06
C ALA A 86 -2.87 -3.45 -6.48
N ARG A 87 -3.58 -4.32 -5.82
CA ARG A 87 -4.97 -4.55 -6.12
C ARG A 87 -5.86 -3.55 -5.42
N TYR A 88 -6.29 -3.94 -4.24
CA TYR A 88 -7.16 -3.12 -3.42
C TYR A 88 -6.34 -2.19 -2.57
N ARG A 89 -6.91 -1.08 -2.15
CA ARG A 89 -6.26 -0.26 -1.16
C ARG A 89 -7.22 -0.01 -0.02
N CYS A 90 -6.66 0.24 1.12
CA CYS A 90 -7.41 0.72 2.25
C CYS A 90 -7.90 2.13 1.94
N GLU A 91 -9.20 2.32 1.80
CA GLU A 91 -9.75 3.64 1.49
C GLU A 91 -9.50 4.62 2.65
N ASP A 92 -8.83 4.14 3.68
CA ASP A 92 -8.55 4.95 4.84
C ASP A 92 -7.10 5.39 4.82
N CYS A 93 -6.17 4.47 4.58
CA CYS A 93 -4.78 4.83 4.68
C CYS A 93 -4.00 4.43 3.42
N GLY A 94 -4.69 3.77 2.49
CA GLY A 94 -4.19 3.55 1.15
C GLY A 94 -3.10 2.49 1.07
N LYS A 95 -3.27 1.42 1.83
CA LYS A 95 -2.39 0.28 1.72
C LYS A 95 -2.95 -0.70 0.72
N LEU A 96 -2.10 -1.24 -0.12
CA LEU A 96 -2.55 -2.06 -1.23
C LEU A 96 -2.47 -3.53 -0.89
N PHE A 97 -3.61 -4.20 -1.00
CA PHE A 97 -3.69 -5.63 -0.71
C PHE A 97 -4.15 -6.38 -1.95
N THR A 98 -3.50 -7.50 -2.20
CA THR A 98 -3.81 -8.33 -3.35
C THR A 98 -5.05 -9.16 -3.08
N THR A 99 -5.53 -9.04 -1.86
CA THR A 99 -6.62 -9.82 -1.38
C THR A 99 -7.58 -8.93 -0.62
N SER A 100 -8.87 -9.01 -0.96
CA SER A 100 -9.87 -8.17 -0.34
C SER A 100 -10.11 -8.62 1.10
N GLY A 101 -9.80 -9.88 1.38
CA GLY A 101 -9.88 -10.40 2.73
C GLY A 101 -8.73 -9.93 3.59
N ASN A 102 -7.50 -9.97 3.05
CA ASN A 102 -6.34 -9.41 3.74
C ASN A 102 -6.60 -7.95 3.96
N LEU A 103 -7.21 -7.36 2.96
CA LEU A 103 -7.55 -5.99 3.00
C LEU A 103 -8.56 -5.77 4.10
N LYS A 104 -9.62 -6.56 4.05
CA LYS A 104 -10.70 -6.55 5.01
C LYS A 104 -10.18 -6.59 6.44
N ARG A 105 -9.29 -7.52 6.73
CA ARG A 105 -8.67 -7.60 8.03
C ARG A 105 -8.09 -6.25 8.43
N HIS A 106 -7.43 -5.63 7.48
CA HIS A 106 -6.81 -4.33 7.66
C HIS A 106 -7.85 -3.20 7.64
N GLN A 107 -9.04 -3.49 7.17
CA GLN A 107 -10.09 -2.49 7.12
C GLN A 107 -10.77 -2.50 8.46
N LEU A 108 -10.70 -3.68 9.07
CA LEU A 108 -11.35 -3.96 10.35
C LEU A 108 -10.52 -3.44 11.49
N VAL A 109 -9.30 -3.09 11.22
CA VAL A 109 -8.49 -2.48 12.24
C VAL A 109 -8.78 -1.00 12.30
N HIS A 110 -9.38 -0.49 11.22
CA HIS A 110 -9.81 0.91 11.17
C HIS A 110 -11.26 1.04 11.61
N SER A 111 -11.91 -0.08 11.83
CA SER A 111 -13.30 -0.12 12.21
C SER A 111 -13.57 -1.39 13.00
N GLY A 112 -12.65 -1.70 13.90
CA GLY A 112 -12.71 -2.94 14.64
C GLY A 112 -12.12 -2.79 16.02
ZN ZN B . 8.73 -1.18 0.21
ZN ZN C . -5.50 1.15 6.58
N LYS A 58 8.97 16.12 -5.66
CA LYS A 58 9.13 15.80 -4.22
C LYS A 58 9.37 14.32 -4.02
N PRO A 59 10.35 13.97 -3.16
CA PRO A 59 10.58 12.60 -2.75
C PRO A 59 9.33 11.98 -2.16
N TYR A 60 8.88 10.95 -2.81
CA TYR A 60 7.70 10.22 -2.41
C TYR A 60 8.13 8.91 -1.80
N GLY A 61 8.11 8.82 -0.49
CA GLY A 61 8.76 7.72 0.14
C GLY A 61 7.84 6.79 0.89
N CYS A 62 8.27 5.56 0.92
CA CYS A 62 7.60 4.50 1.62
C CYS A 62 7.76 4.69 3.12
N GLU A 63 6.71 5.16 3.78
CA GLU A 63 6.71 5.35 5.22
C GLU A 63 6.82 4.01 5.94
N GLU A 64 6.76 2.96 5.14
CA GLU A 64 6.76 1.59 5.61
C GLU A 64 8.17 1.01 5.74
N CYS A 65 9.04 1.34 4.80
CA CYS A 65 10.37 0.74 4.76
C CYS A 65 11.44 1.82 4.71
N GLY A 66 11.04 3.02 4.33
CA GLY A 66 11.88 4.17 4.43
C GLY A 66 12.70 4.46 3.20
N LYS A 67 12.20 4.03 2.04
CA LYS A 67 12.84 4.35 0.76
C LYS A 67 11.97 5.31 -0.02
N SER A 68 12.55 6.40 -0.52
CA SER A 68 11.77 7.41 -1.22
C SER A 68 12.00 7.33 -2.73
N TYR A 69 10.94 7.58 -3.48
CA TYR A 69 11.00 7.55 -4.93
C TYR A 69 10.78 8.93 -5.54
N ARG A 70 11.04 9.02 -6.83
CA ARG A 70 10.97 10.28 -7.55
C ARG A 70 9.54 10.58 -7.98
N LEU A 71 8.84 9.57 -8.47
CA LEU A 71 7.47 9.73 -8.90
C LEU A 71 6.51 8.99 -7.98
N ILE A 72 5.23 9.32 -8.07
CA ILE A 72 4.22 8.60 -7.32
C ILE A 72 4.04 7.21 -7.90
N SER A 73 4.01 7.12 -9.23
CA SER A 73 3.91 5.84 -9.92
C SER A 73 5.11 4.96 -9.59
N LEU A 74 6.26 5.60 -9.43
CA LEU A 74 7.47 4.93 -9.02
C LEU A 74 7.29 4.21 -7.71
N LEU A 75 6.86 4.96 -6.73
CA LEU A 75 6.66 4.45 -5.40
C LEU A 75 5.44 3.56 -5.38
N ASN A 76 4.56 3.80 -6.33
CA ASN A 76 3.34 3.03 -6.48
C ASN A 76 3.70 1.62 -6.90
N LEU A 77 4.71 1.53 -7.74
CA LEU A 77 5.19 0.25 -8.20
C LEU A 77 6.07 -0.39 -7.15
N HIS A 78 6.73 0.43 -6.36
CA HIS A 78 7.48 -0.06 -5.20
C HIS A 78 6.51 -0.63 -4.18
N LYS A 79 5.38 0.03 -4.04
CA LYS A 79 4.34 -0.39 -3.13
C LYS A 79 3.66 -1.63 -3.71
N LYS A 80 3.57 -1.67 -5.04
CA LYS A 80 3.07 -2.85 -5.74
C LYS A 80 4.05 -4.02 -5.57
N ARG A 81 5.34 -3.70 -5.47
CA ARG A 81 6.35 -4.73 -5.24
C ARG A 81 6.09 -5.47 -3.92
N HIS A 82 5.87 -4.71 -2.86
CA HIS A 82 5.66 -5.29 -1.54
C HIS A 82 4.36 -6.10 -1.47
N SER A 83 3.36 -5.68 -2.21
CA SER A 83 2.05 -6.31 -2.15
C SER A 83 1.88 -7.37 -3.23
N GLY A 84 2.92 -7.58 -4.01
CA GLY A 84 2.81 -8.45 -5.17
C GLY A 84 2.25 -7.69 -6.34
N GLU A 85 1.10 -7.09 -6.12
CA GLU A 85 0.53 -6.15 -7.05
C GLU A 85 -0.48 -5.28 -6.32
N ALA A 86 -0.55 -4.03 -6.71
CA ALA A 86 -1.42 -3.08 -6.05
C ALA A 86 -2.84 -3.18 -6.56
N ARG A 87 -3.63 -3.96 -5.86
CA ARG A 87 -5.03 -4.11 -6.20
C ARG A 87 -5.89 -3.13 -5.43
N TYR A 88 -6.28 -3.53 -4.24
CA TYR A 88 -7.08 -2.70 -3.35
C TYR A 88 -6.18 -1.95 -2.39
N ARG A 89 -6.58 -0.76 -2.01
CA ARG A 89 -5.91 -0.06 -0.95
C ARG A 89 -6.79 -0.02 0.27
N CYS A 90 -6.15 0.09 1.38
CA CYS A 90 -6.82 0.39 2.61
C CYS A 90 -7.16 1.86 2.58
N GLU A 91 -8.45 2.18 2.59
CA GLU A 91 -8.91 3.56 2.50
C GLU A 91 -8.39 4.41 3.67
N ASP A 92 -7.63 3.81 4.57
CA ASP A 92 -7.13 4.51 5.73
C ASP A 92 -5.61 4.66 5.67
N CYS A 93 -4.91 3.62 5.23
CA CYS A 93 -3.48 3.63 5.36
C CYS A 93 -2.82 3.25 4.02
N GLY A 94 -3.66 3.04 3.01
CA GLY A 94 -3.22 2.80 1.65
C GLY A 94 -2.33 1.59 1.48
N LYS A 95 -2.64 0.53 2.20
CA LYS A 95 -2.01 -0.75 1.96
C LYS A 95 -2.65 -1.41 0.77
N LEU A 96 -1.89 -2.13 0.00
CA LEU A 96 -2.42 -2.77 -1.18
C LEU A 96 -2.63 -4.25 -0.94
N PHE A 97 -3.88 -4.67 -1.05
CA PHE A 97 -4.23 -6.06 -0.89
C PHE A 97 -4.80 -6.60 -2.20
N THR A 98 -4.41 -7.81 -2.51
CA THR A 98 -4.81 -8.43 -3.78
C THR A 98 -6.13 -9.15 -3.62
N THR A 99 -6.77 -8.90 -2.50
CA THR A 99 -8.04 -9.50 -2.18
C THR A 99 -8.77 -8.60 -1.20
N SER A 100 -10.03 -8.31 -1.49
CA SER A 100 -10.83 -7.38 -0.70
C SER A 100 -11.08 -7.96 0.68
N GLY A 101 -11.04 -9.28 0.79
CA GLY A 101 -11.15 -9.93 2.09
C GLY A 101 -9.90 -9.74 2.91
N ASN A 102 -8.73 -9.99 2.31
CA ASN A 102 -7.46 -9.71 2.96
C ASN A 102 -7.44 -8.29 3.38
N LEU A 103 -7.96 -7.47 2.49
CA LEU A 103 -8.03 -6.07 2.72
C LEU A 103 -8.94 -5.79 3.89
N LYS A 104 -10.14 -6.37 3.80
CA LYS A 104 -11.17 -6.23 4.81
C LYS A 104 -10.66 -6.58 6.20
N ARG A 105 -9.98 -7.70 6.33
CA ARG A 105 -9.43 -8.11 7.61
C ARG A 105 -8.53 -7.01 8.16
N HIS A 106 -7.78 -6.40 7.26
CA HIS A 106 -6.91 -5.31 7.63
C HIS A 106 -7.70 -4.01 7.83
N GLN A 107 -8.90 -3.95 7.30
CA GLN A 107 -9.73 -2.76 7.45
C GLN A 107 -10.37 -2.86 8.82
N LEU A 108 -10.51 -4.11 9.23
CA LEU A 108 -11.19 -4.49 10.46
C LEU A 108 -10.27 -4.39 11.64
N VAL A 109 -9.02 -4.15 11.39
CA VAL A 109 -8.13 -3.89 12.47
C VAL A 109 -8.15 -2.40 12.78
N HIS A 110 -8.59 -1.63 11.78
CA HIS A 110 -8.76 -0.20 11.97
C HIS A 110 -10.12 0.07 12.60
N SER A 111 -10.99 -0.93 12.54
CA SER A 111 -12.34 -0.83 13.07
C SER A 111 -12.85 -2.20 13.49
N GLY A 112 -12.11 -2.83 14.39
CA GLY A 112 -12.43 -4.17 14.81
C GLY A 112 -12.05 -4.41 16.26
ZN ZN B . 8.32 -0.13 0.64
ZN ZN C . -4.96 -0.14 6.90
N LYS A 58 11.19 16.39 -4.23
CA LYS A 58 10.98 15.78 -2.90
C LYS A 58 10.91 14.26 -3.02
N PRO A 59 11.82 13.55 -2.35
CA PRO A 59 11.91 12.11 -2.41
C PRO A 59 10.73 11.44 -1.72
N TYR A 60 10.00 10.68 -2.49
CA TYR A 60 8.88 9.92 -1.99
C TYR A 60 9.37 8.54 -1.63
N GLY A 61 9.65 8.32 -0.37
CA GLY A 61 10.34 7.12 0.01
C GLY A 61 9.56 6.23 0.94
N CYS A 62 9.75 4.96 0.71
CA CYS A 62 9.19 3.91 1.53
C CYS A 62 9.87 3.89 2.90
N GLU A 63 9.20 4.39 3.93
CA GLU A 63 9.76 4.37 5.28
C GLU A 63 9.78 2.95 5.84
N GLU A 64 9.34 2.02 5.01
CA GLU A 64 9.33 0.61 5.32
C GLU A 64 10.70 -0.01 5.06
N CYS A 65 11.29 0.30 3.89
CA CYS A 65 12.50 -0.38 3.47
C CYS A 65 13.61 0.63 3.20
N GLY A 66 13.20 1.89 3.07
CA GLY A 66 14.13 2.98 3.05
C GLY A 66 14.59 3.37 1.66
N LYS A 67 13.75 3.14 0.67
CA LYS A 67 14.06 3.55 -0.69
C LYS A 67 13.17 4.71 -1.11
N SER A 68 13.77 5.77 -1.61
CA SER A 68 13.02 6.94 -2.04
C SER A 68 12.92 7.01 -3.55
N TYR A 69 11.75 7.38 -4.03
CA TYR A 69 11.51 7.48 -5.46
C TYR A 69 11.21 8.91 -5.88
N ARG A 70 11.42 9.19 -7.15
CA ARG A 70 11.18 10.51 -7.72
C ARG A 70 9.68 10.75 -7.88
N LEU A 71 8.96 9.72 -8.32
CA LEU A 71 7.55 9.84 -8.62
C LEU A 71 6.70 9.12 -7.59
N ILE A 72 5.47 9.57 -7.47
CA ILE A 72 4.48 8.88 -6.66
C ILE A 72 4.14 7.54 -7.29
N SER A 73 4.00 7.52 -8.61
CA SER A 73 3.73 6.29 -9.34
C SER A 73 4.92 5.35 -9.27
N LEU A 74 6.10 5.93 -9.21
CA LEU A 74 7.33 5.18 -9.02
C LEU A 74 7.30 4.41 -7.73
N LEU A 75 7.06 5.13 -6.67
CA LEU A 75 7.01 4.56 -5.35
C LEU A 75 5.77 3.71 -5.19
N ASN A 76 4.79 4.03 -6.01
CA ASN A 76 3.54 3.29 -6.06
C ASN A 76 3.80 1.90 -6.61
N LEU A 77 4.63 1.85 -7.64
CA LEU A 77 5.01 0.61 -8.26
C LEU A 77 6.05 -0.12 -7.42
N HIS A 78 6.70 0.63 -6.55
CA HIS A 78 7.56 0.05 -5.53
C HIS A 78 6.70 -0.67 -4.52
N LYS A 79 5.62 -0.01 -4.13
CA LYS A 79 4.70 -0.54 -3.14
C LYS A 79 3.96 -1.72 -3.75
N LYS A 80 3.61 -1.56 -5.02
CA LYS A 80 2.98 -2.63 -5.78
C LYS A 80 3.95 -3.81 -5.96
N ARG A 81 5.23 -3.51 -6.10
CA ARG A 81 6.25 -4.54 -6.30
C ARG A 81 6.31 -5.50 -5.10
N HIS A 82 6.17 -4.95 -3.90
CA HIS A 82 6.29 -5.72 -2.67
C HIS A 82 5.26 -6.84 -2.58
N SER A 83 4.04 -6.56 -3.02
CA SER A 83 2.97 -7.53 -2.98
C SER A 83 2.66 -8.10 -4.36
N GLY A 84 3.61 -7.92 -5.27
CA GLY A 84 3.43 -8.37 -6.64
C GLY A 84 2.64 -7.37 -7.44
N GLU A 85 1.47 -7.05 -6.94
CA GLU A 85 0.64 -6.01 -7.49
C GLU A 85 0.01 -5.23 -6.36
N ALA A 86 -0.92 -4.37 -6.68
CA ALA A 86 -1.61 -3.56 -5.69
C ALA A 86 -3.04 -3.37 -6.10
N ARG A 87 -3.91 -4.16 -5.51
CA ARG A 87 -5.30 -4.23 -5.97
C ARG A 87 -6.16 -3.26 -5.20
N TYR A 88 -6.57 -3.70 -4.03
CA TYR A 88 -7.42 -2.91 -3.17
C TYR A 88 -6.58 -2.04 -2.28
N ARG A 89 -7.13 -0.96 -1.79
CA ARG A 89 -6.52 -0.23 -0.73
C ARG A 89 -7.52 -0.06 0.37
N CYS A 90 -7.01 0.05 1.56
CA CYS A 90 -7.81 0.42 2.69
C CYS A 90 -8.20 1.88 2.50
N GLU A 91 -9.48 2.16 2.30
CA GLU A 91 -9.92 3.55 2.01
C GLU A 91 -9.72 4.46 3.23
N ASP A 92 -9.03 3.95 4.23
CA ASP A 92 -8.81 4.69 5.46
C ASP A 92 -7.32 4.93 5.70
N CYS A 93 -6.47 3.97 5.31
CA CYS A 93 -5.06 4.10 5.58
C CYS A 93 -4.25 3.84 4.30
N GLY A 94 -4.98 3.55 3.22
CA GLY A 94 -4.40 3.37 1.90
C GLY A 94 -3.38 2.25 1.81
N LYS A 95 -3.60 1.19 2.56
CA LYS A 95 -2.81 -0.01 2.43
C LYS A 95 -3.34 -0.86 1.29
N LEU A 96 -2.45 -1.30 0.43
CA LEU A 96 -2.85 -2.06 -0.75
C LEU A 96 -2.82 -3.53 -0.45
N PHE A 97 -3.96 -4.17 -0.67
CA PHE A 97 -4.05 -5.61 -0.49
C PHE A 97 -4.49 -6.26 -1.79
N THR A 98 -3.85 -7.36 -2.10
CA THR A 98 -4.14 -8.09 -3.31
C THR A 98 -5.26 -9.07 -3.07
N THR A 99 -5.66 -9.15 -1.82
CA THR A 99 -6.78 -9.95 -1.42
C THR A 99 -7.75 -9.07 -0.63
N SER A 100 -9.01 -9.09 -1.03
CA SER A 100 -10.01 -8.24 -0.42
C SER A 100 -10.34 -8.74 0.98
N GLY A 101 -10.12 -10.03 1.23
CA GLY A 101 -10.30 -10.56 2.56
C GLY A 101 -9.17 -10.17 3.50
N ASN A 102 -7.93 -10.16 3.00
CA ASN A 102 -6.81 -9.65 3.78
C ASN A 102 -7.09 -8.21 4.09
N LEU A 103 -7.62 -7.55 3.07
CA LEU A 103 -7.97 -6.18 3.18
C LEU A 103 -9.08 -6.02 4.21
N LYS A 104 -10.14 -6.76 3.99
CA LYS A 104 -11.31 -6.80 4.84
C LYS A 104 -10.96 -6.96 6.31
N ARG A 105 -10.14 -7.95 6.65
CA ARG A 105 -9.73 -8.12 8.04
C ARG A 105 -9.05 -6.85 8.53
N HIS A 106 -8.28 -6.25 7.66
CA HIS A 106 -7.57 -5.01 7.95
C HIS A 106 -8.53 -3.81 7.94
N GLN A 107 -9.70 -3.97 7.37
CA GLN A 107 -10.69 -2.92 7.31
C GLN A 107 -11.48 -2.97 8.61
N LEU A 108 -11.51 -4.18 9.15
CA LEU A 108 -12.27 -4.50 10.34
C LEU A 108 -11.52 -4.13 11.57
N VAL A 109 -10.27 -3.80 11.43
CA VAL A 109 -9.52 -3.30 12.54
C VAL A 109 -9.79 -1.81 12.69
N HIS A 110 -10.25 -1.20 11.60
CA HIS A 110 -10.62 0.20 11.61
C HIS A 110 -12.06 0.37 12.10
N SER A 111 -12.76 -0.73 12.18
CA SER A 111 -14.16 -0.74 12.61
C SER A 111 -14.51 -2.11 13.15
N GLY A 112 -13.70 -2.58 14.09
CA GLY A 112 -13.89 -3.90 14.66
C GLY A 112 -13.50 -3.95 16.12
ZN ZN B . 8.98 -0.71 0.29
ZN ZN C . -6.22 0.08 7.10
N LYS A 58 12.96 14.58 -8.86
CA LYS A 58 12.20 14.78 -7.61
C LYS A 58 12.25 13.52 -6.76
N PRO A 59 12.62 13.65 -5.48
CA PRO A 59 12.66 12.52 -4.56
C PRO A 59 11.28 12.19 -3.99
N TYR A 60 10.85 10.99 -4.30
CA TYR A 60 9.65 10.42 -3.71
C TYR A 60 10.03 9.08 -3.10
N GLY A 61 10.41 9.10 -1.84
CA GLY A 61 11.00 7.94 -1.26
C GLY A 61 10.12 7.24 -0.26
N CYS A 62 10.29 5.93 -0.23
CA CYS A 62 9.58 5.07 0.70
C CYS A 62 10.11 5.31 2.11
N GLU A 63 9.28 5.87 2.96
CA GLU A 63 9.71 6.20 4.33
C GLU A 63 9.85 4.95 5.19
N GLU A 64 9.55 3.79 4.61
CA GLU A 64 9.66 2.53 5.32
C GLU A 64 11.01 1.85 5.09
N CYS A 65 11.50 1.90 3.86
CA CYS A 65 12.67 1.13 3.47
C CYS A 65 13.74 2.07 2.96
N GLY A 66 13.37 3.34 2.95
CA GLY A 66 14.28 4.41 2.64
C GLY A 66 14.77 4.37 1.20
N LYS A 67 13.88 4.00 0.29
CA LYS A 67 14.20 3.96 -1.12
C LYS A 67 13.44 5.06 -1.85
N SER A 68 14.14 6.08 -2.31
CA SER A 68 13.50 7.19 -2.98
C SER A 68 13.40 6.92 -4.48
N TYR A 69 12.30 7.36 -5.06
CA TYR A 69 12.09 7.22 -6.50
C TYR A 69 11.91 8.57 -7.16
N ARG A 70 12.00 8.58 -8.48
CA ARG A 70 11.94 9.82 -9.25
C ARG A 70 10.51 10.29 -9.44
N LEU A 71 9.60 9.35 -9.72
CA LEU A 71 8.21 9.69 -9.93
C LEU A 71 7.36 9.13 -8.80
N ILE A 72 6.15 9.68 -8.65
CA ILE A 72 5.22 9.14 -7.68
C ILE A 72 4.75 7.76 -8.12
N SER A 73 4.47 7.61 -9.41
CA SER A 73 4.07 6.33 -9.97
C SER A 73 5.19 5.30 -9.80
N LEU A 74 6.42 5.77 -9.91
CA LEU A 74 7.59 4.95 -9.66
C LEU A 74 7.56 4.35 -8.28
N LEU A 75 7.44 5.22 -7.32
CA LEU A 75 7.42 4.83 -5.93
C LEU A 75 6.15 4.07 -5.63
N ASN A 76 5.13 4.35 -6.41
CA ASN A 76 3.85 3.70 -6.25
C ASN A 76 3.96 2.27 -6.67
N LEU A 77 4.75 2.05 -7.70
CA LEU A 77 4.99 0.72 -8.21
C LEU A 77 6.03 0.02 -7.36
N HIS A 78 6.80 0.81 -6.62
CA HIS A 78 7.67 0.29 -5.58
C HIS A 78 6.83 -0.24 -4.42
N LYS A 79 5.82 0.54 -4.07
CA LYS A 79 4.93 0.19 -2.97
C LYS A 79 4.07 -0.99 -3.38
N LYS A 80 3.73 -1.00 -4.66
CA LYS A 80 3.05 -2.14 -5.26
C LYS A 80 3.98 -3.36 -5.28
N ARG A 81 5.26 -3.10 -5.54
CA ARG A 81 6.25 -4.17 -5.64
C ARG A 81 6.36 -4.96 -4.32
N HIS A 82 6.32 -4.25 -3.20
CA HIS A 82 6.43 -4.88 -1.89
C HIS A 82 5.33 -5.92 -1.69
N SER A 83 4.13 -5.60 -2.11
CA SER A 83 2.99 -6.48 -1.92
C SER A 83 2.75 -7.33 -3.17
N GLY A 84 3.70 -7.28 -4.10
CA GLY A 84 3.53 -7.92 -5.38
C GLY A 84 2.71 -7.04 -6.30
N GLU A 85 1.52 -6.71 -5.86
CA GLU A 85 0.68 -5.76 -6.53
C GLU A 85 -0.05 -4.94 -5.47
N ALA A 86 -0.54 -3.80 -5.87
CA ALA A 86 -1.30 -2.95 -4.98
C ALA A 86 -2.73 -2.84 -5.46
N ARG A 87 -3.55 -3.71 -4.93
CA ARG A 87 -4.93 -3.82 -5.37
C ARG A 87 -5.84 -2.87 -4.60
N TYR A 88 -6.40 -3.38 -3.53
CA TYR A 88 -7.26 -2.60 -2.67
C TYR A 88 -6.44 -1.89 -1.64
N ARG A 89 -6.99 -0.85 -1.06
CA ARG A 89 -6.43 -0.27 0.12
C ARG A 89 -7.50 -0.20 1.17
N CYS A 90 -7.07 -0.27 2.39
CA CYS A 90 -7.95 -0.05 3.50
C CYS A 90 -8.41 1.40 3.45
N GLU A 91 -9.71 1.61 3.25
CA GLU A 91 -10.24 2.96 3.14
C GLU A 91 -10.16 3.71 4.47
N ASP A 92 -9.42 3.16 5.41
CA ASP A 92 -9.24 3.79 6.70
C ASP A 92 -7.76 4.07 6.98
N CYS A 93 -6.87 3.16 6.57
CA CYS A 93 -5.48 3.30 6.93
C CYS A 93 -4.58 3.13 5.69
N GLY A 94 -5.22 3.00 4.53
CA GLY A 94 -4.55 2.97 3.25
C GLY A 94 -3.54 1.86 3.09
N LYS A 95 -3.83 0.71 3.69
CA LYS A 95 -3.03 -0.48 3.50
C LYS A 95 -3.47 -1.22 2.26
N LEU A 96 -2.53 -1.56 1.39
CA LEU A 96 -2.85 -2.20 0.12
C LEU A 96 -2.91 -3.70 0.30
N PHE A 97 -4.06 -4.26 -0.02
CA PHE A 97 -4.25 -5.70 0.00
C PHE A 97 -4.60 -6.21 -1.37
N THR A 98 -3.87 -7.22 -1.79
CA THR A 98 -4.02 -7.80 -3.11
C THR A 98 -5.31 -8.59 -3.21
N THR A 99 -5.90 -8.84 -2.06
CA THR A 99 -7.12 -9.59 -1.97
C THR A 99 -8.10 -8.82 -1.11
N SER A 100 -9.32 -8.65 -1.62
CA SER A 100 -10.33 -7.87 -0.92
C SER A 100 -10.80 -8.59 0.34
N GLY A 101 -10.73 -9.92 0.33
CA GLY A 101 -11.05 -10.69 1.51
C GLY A 101 -10.03 -10.53 2.61
N ASN A 102 -8.75 -10.52 2.24
CA ASN A 102 -7.67 -10.24 3.19
C ASN A 102 -7.84 -8.86 3.69
N LEU A 103 -8.23 -7.99 2.78
CA LEU A 103 -8.47 -6.62 3.09
C LEU A 103 -9.59 -6.52 4.10
N LYS A 104 -10.69 -7.17 3.74
CA LYS A 104 -11.89 -7.23 4.57
C LYS A 104 -11.57 -7.61 6.00
N ARG A 105 -10.80 -8.66 6.20
CA ARG A 105 -10.40 -9.08 7.53
C ARG A 105 -9.74 -7.91 8.25
N HIS A 106 -8.87 -7.21 7.54
CA HIS A 106 -8.19 -6.04 8.07
C HIS A 106 -9.13 -4.84 8.19
N GLN A 107 -10.27 -4.89 7.51
CA GLN A 107 -11.22 -3.80 7.56
C GLN A 107 -12.07 -3.97 8.80
N LEU A 108 -12.23 -5.24 9.15
CA LEU A 108 -13.08 -5.66 10.24
C LEU A 108 -12.40 -5.43 11.55
N VAL A 109 -11.10 -5.35 11.54
CA VAL A 109 -10.40 -5.06 12.75
C VAL A 109 -10.61 -3.60 13.13
N HIS A 110 -10.98 -2.81 12.14
CA HIS A 110 -11.24 -1.39 12.38
C HIS A 110 -12.67 -1.18 12.88
N SER A 111 -13.51 -2.19 12.71
CA SER A 111 -14.93 -2.09 13.06
C SER A 111 -15.47 -3.46 13.47
N GLY A 112 -14.65 -4.19 14.19
CA GLY A 112 -14.96 -5.57 14.51
C GLY A 112 -14.73 -5.87 15.97
ZN ZN B . 9.17 0.37 0.17
ZN ZN C . -6.71 -0.79 7.98
N LYS A 58 8.02 17.04 -3.98
CA LYS A 58 8.40 16.19 -2.84
C LYS A 58 8.61 14.74 -3.31
N PRO A 59 9.64 14.06 -2.79
CA PRO A 59 9.85 12.65 -3.01
C PRO A 59 8.82 11.82 -2.27
N TYR A 60 8.66 10.63 -2.73
CA TYR A 60 7.65 9.72 -2.23
C TYR A 60 8.32 8.43 -1.82
N GLY A 61 8.63 8.33 -0.55
CA GLY A 61 9.45 7.25 -0.10
C GLY A 61 8.68 6.18 0.64
N CYS A 62 9.14 4.97 0.44
CA CYS A 62 8.60 3.81 1.10
C CYS A 62 9.01 3.83 2.57
N GLU A 63 8.10 4.27 3.44
CA GLU A 63 8.36 4.30 4.88
C GLU A 63 8.43 2.88 5.43
N GLU A 64 8.30 1.93 4.53
CA GLU A 64 8.34 0.52 4.83
C GLU A 64 9.77 -0.04 4.76
N CYS A 65 10.52 0.36 3.74
CA CYS A 65 11.85 -0.18 3.52
C CYS A 65 12.88 0.94 3.50
N GLY A 66 12.38 2.14 3.29
CA GLY A 66 13.20 3.31 3.38
C GLY A 66 13.80 3.74 2.06
N LYS A 67 13.12 3.42 0.97
CA LYS A 67 13.54 3.89 -0.36
C LYS A 67 12.54 4.92 -0.88
N SER A 68 13.02 6.11 -1.22
CA SER A 68 12.11 7.15 -1.71
C SER A 68 12.15 7.23 -3.23
N TYR A 69 11.02 7.53 -3.81
CA TYR A 69 10.92 7.63 -5.26
C TYR A 69 10.54 9.04 -5.71
N ARG A 70 10.82 9.31 -6.97
CA ARG A 70 10.60 10.63 -7.55
C ARG A 70 9.11 10.88 -7.77
N LEU A 71 8.39 9.83 -8.19
CA LEU A 71 6.98 9.98 -8.53
C LEU A 71 6.11 9.09 -7.67
N ILE A 72 4.82 9.33 -7.75
CA ILE A 72 3.85 8.50 -7.06
C ILE A 72 3.77 7.14 -7.71
N SER A 73 3.55 7.12 -9.03
CA SER A 73 3.47 5.88 -9.78
C SER A 73 4.77 5.10 -9.67
N LEU A 74 5.86 5.83 -9.51
CA LEU A 74 7.16 5.24 -9.28
C LEU A 74 7.19 4.40 -8.02
N LEU A 75 6.81 5.02 -6.93
CA LEU A 75 6.80 4.36 -5.66
C LEU A 75 5.67 3.37 -5.61
N ASN A 76 4.67 3.63 -6.44
CA ASN A 76 3.51 2.77 -6.53
C ASN A 76 3.92 1.44 -7.13
N LEU A 77 4.82 1.53 -8.11
CA LEU A 77 5.33 0.36 -8.76
C LEU A 77 6.42 -0.28 -7.91
N HIS A 78 6.97 0.50 -7.00
CA HIS A 78 7.86 -0.02 -5.98
C HIS A 78 7.06 -0.82 -4.96
N LYS A 79 5.90 -0.28 -4.61
CA LYS A 79 5.01 -0.92 -3.65
C LYS A 79 4.41 -2.15 -4.31
N LYS A 80 4.07 -2.01 -5.58
CA LYS A 80 3.60 -3.09 -6.41
C LYS A 80 4.71 -4.12 -6.63
N ARG A 81 5.96 -3.70 -6.48
CA ARG A 81 7.11 -4.58 -6.64
C ARG A 81 7.27 -5.52 -5.43
N HIS A 82 6.76 -5.09 -4.28
CA HIS A 82 6.92 -5.85 -3.05
C HIS A 82 5.90 -6.98 -2.91
N SER A 83 4.63 -6.65 -3.10
CA SER A 83 3.56 -7.61 -2.82
C SER A 83 2.98 -8.18 -4.12
N GLY A 84 3.81 -8.28 -5.14
CA GLY A 84 3.34 -8.77 -6.43
C GLY A 84 2.67 -7.67 -7.22
N GLU A 85 1.69 -7.03 -6.60
CA GLU A 85 1.07 -5.84 -7.15
C GLU A 85 0.26 -5.14 -6.08
N ALA A 86 0.22 -3.82 -6.16
CA ALA A 86 -0.53 -3.03 -5.22
C ALA A 86 -1.94 -2.82 -5.72
N ARG A 87 -2.84 -3.61 -5.17
CA ARG A 87 -4.24 -3.60 -5.55
C ARG A 87 -5.05 -2.63 -4.72
N TYR A 88 -5.67 -3.20 -3.72
CA TYR A 88 -6.53 -2.47 -2.83
C TYR A 88 -5.72 -1.80 -1.76
N ARG A 89 -6.19 -0.70 -1.22
CA ARG A 89 -5.63 -0.17 -0.01
C ARG A 89 -6.70 -0.03 1.04
N CYS A 90 -6.28 -0.11 2.27
CA CYS A 90 -7.13 0.19 3.39
C CYS A 90 -7.63 1.61 3.22
N GLU A 91 -8.92 1.77 3.06
CA GLU A 91 -9.48 3.09 2.81
C GLU A 91 -9.52 3.89 4.10
N ASP A 92 -8.77 3.43 5.10
CA ASP A 92 -8.65 4.15 6.34
C ASP A 92 -7.19 4.52 6.63
N CYS A 93 -6.24 3.62 6.34
CA CYS A 93 -4.85 3.93 6.64
C CYS A 93 -3.95 3.80 5.41
N GLY A 94 -4.43 3.07 4.41
CA GLY A 94 -3.79 3.03 3.12
C GLY A 94 -2.79 1.91 2.94
N LYS A 95 -3.08 0.75 3.54
CA LYS A 95 -2.27 -0.43 3.35
C LYS A 95 -2.74 -1.20 2.12
N LEU A 96 -1.82 -1.63 1.28
CA LEU A 96 -2.18 -2.30 0.04
C LEU A 96 -2.32 -3.80 0.26
N PHE A 97 -3.49 -4.30 -0.07
CA PHE A 97 -3.76 -5.73 0.00
C PHE A 97 -4.08 -6.27 -1.36
N THR A 98 -3.61 -7.46 -1.62
CA THR A 98 -3.84 -8.13 -2.87
C THR A 98 -5.13 -8.94 -2.81
N THR A 99 -5.65 -9.07 -1.60
CA THR A 99 -6.91 -9.70 -1.38
C THR A 99 -7.85 -8.72 -0.70
N SER A 100 -9.03 -8.53 -1.26
CA SER A 100 -9.99 -7.58 -0.74
C SER A 100 -10.59 -8.10 0.57
N GLY A 101 -10.56 -9.41 0.75
CA GLY A 101 -10.99 -9.99 2.01
C GLY A 101 -10.00 -9.76 3.12
N ASN A 102 -8.70 -9.92 2.85
CA ASN A 102 -7.69 -9.58 3.83
C ASN A 102 -7.78 -8.11 4.10
N LEU A 103 -8.11 -7.38 3.06
CA LEU A 103 -8.24 -5.97 3.14
C LEU A 103 -9.41 -5.61 4.02
N LYS A 104 -10.55 -6.19 3.68
CA LYS A 104 -11.81 -5.91 4.32
C LYS A 104 -11.77 -6.20 5.81
N ARG A 105 -11.15 -7.31 6.20
CA ARG A 105 -10.98 -7.61 7.62
C ARG A 105 -10.13 -6.54 8.28
N HIS A 106 -9.17 -6.06 7.52
CA HIS A 106 -8.28 -4.99 7.95
C HIS A 106 -9.00 -3.64 7.97
N GLN A 107 -10.12 -3.55 7.27
CA GLN A 107 -10.91 -2.34 7.24
C GLN A 107 -11.83 -2.34 8.44
N LEU A 108 -12.14 -3.56 8.86
CA LEU A 108 -13.07 -3.80 9.93
C LEU A 108 -12.40 -3.69 11.27
N VAL A 109 -11.09 -3.65 11.27
CA VAL A 109 -10.39 -3.39 12.50
C VAL A 109 -10.40 -1.90 12.76
N HIS A 110 -10.63 -1.14 11.70
CA HIS A 110 -10.75 0.32 11.81
C HIS A 110 -12.18 0.72 12.17
N SER A 111 -13.09 -0.24 12.06
CA SER A 111 -14.50 0.00 12.33
C SER A 111 -15.17 -1.29 12.78
N GLY A 112 -14.53 -1.97 13.71
CA GLY A 112 -15.00 -3.27 14.15
C GLY A 112 -14.75 -3.50 15.62
ZN ZN B . 9.30 -0.75 -0.23
ZN ZN C . -5.81 0.01 7.96
N LYS A 58 10.59 15.67 -5.28
CA LYS A 58 9.63 15.42 -4.18
C LYS A 58 9.78 13.98 -3.67
N PRO A 59 10.15 13.83 -2.39
CA PRO A 59 10.35 12.52 -1.79
C PRO A 59 9.03 11.89 -1.32
N TYR A 60 8.76 10.75 -1.90
CA TYR A 60 7.65 9.90 -1.47
C TYR A 60 8.19 8.54 -1.13
N GLY A 61 8.36 8.28 0.15
CA GLY A 61 9.03 7.09 0.56
C GLY A 61 8.14 6.12 1.30
N CYS A 62 8.40 4.85 1.06
CA CYS A 62 7.70 3.77 1.70
C CYS A 62 7.89 3.84 3.20
N GLU A 63 6.80 3.87 3.95
CA GLU A 63 6.87 3.95 5.41
C GLU A 63 7.22 2.57 5.99
N GLU A 64 7.17 1.57 5.14
CA GLU A 64 7.33 0.19 5.53
C GLU A 64 8.79 -0.27 5.45
N CYS A 65 9.48 0.13 4.39
CA CYS A 65 10.86 -0.30 4.18
C CYS A 65 11.78 0.91 4.19
N GLY A 66 11.19 2.04 3.85
CA GLY A 66 11.89 3.29 3.93
C GLY A 66 12.60 3.67 2.64
N LYS A 67 12.16 3.09 1.53
CA LYS A 67 12.71 3.45 0.22
C LYS A 67 11.92 4.61 -0.37
N SER A 68 12.62 5.70 -0.68
CA SER A 68 11.98 6.89 -1.21
C SER A 68 11.92 6.88 -2.73
N TYR A 69 10.82 7.36 -3.27
CA TYR A 69 10.66 7.51 -4.70
C TYR A 69 10.34 8.96 -5.04
N ARG A 70 10.55 9.31 -6.30
CA ARG A 70 10.33 10.67 -6.76
C ARG A 70 8.88 10.86 -7.18
N LEU A 71 8.31 9.83 -7.78
CA LEU A 71 6.96 9.87 -8.28
C LEU A 71 6.01 9.15 -7.34
N ILE A 72 4.76 9.59 -7.33
CA ILE A 72 3.72 8.90 -6.57
C ILE A 72 3.48 7.52 -7.14
N SER A 73 3.33 7.44 -8.46
CA SER A 73 3.12 6.16 -9.12
C SER A 73 4.34 5.27 -8.98
N LEU A 74 5.50 5.88 -8.84
CA LEU A 74 6.73 5.17 -8.58
C LEU A 74 6.65 4.39 -7.29
N LEU A 75 6.32 5.11 -6.25
CA LEU A 75 6.19 4.55 -4.92
C LEU A 75 4.97 3.65 -4.86
N ASN A 76 4.01 3.98 -5.71
CA ASN A 76 2.78 3.22 -5.80
C ASN A 76 3.07 1.87 -6.39
N LEU A 77 3.99 1.85 -7.34
CA LEU A 77 4.41 0.63 -7.97
C LEU A 77 5.36 -0.12 -7.06
N HIS A 78 6.08 0.63 -6.23
CA HIS A 78 6.91 0.05 -5.19
C HIS A 78 6.03 -0.74 -4.22
N LYS A 79 4.89 -0.17 -3.89
CA LYS A 79 3.96 -0.82 -2.98
C LYS A 79 3.33 -2.01 -3.70
N LYS A 80 3.27 -1.90 -5.03
CA LYS A 80 2.86 -3.00 -5.88
C LYS A 80 3.92 -4.09 -5.88
N ARG A 81 5.20 -3.68 -5.90
CA ARG A 81 6.32 -4.62 -5.92
C ARG A 81 6.23 -5.62 -4.76
N HIS A 82 5.98 -5.10 -3.57
CA HIS A 82 5.99 -5.90 -2.35
C HIS A 82 4.92 -6.99 -2.34
N SER A 83 3.88 -6.82 -3.14
CA SER A 83 2.83 -7.81 -3.20
C SER A 83 2.74 -8.41 -4.60
N GLY A 84 3.76 -8.15 -5.41
CA GLY A 84 3.75 -8.60 -6.80
C GLY A 84 2.91 -7.67 -7.66
N GLU A 85 1.67 -7.48 -7.25
CA GLU A 85 0.77 -6.58 -7.90
C GLU A 85 0.07 -5.76 -6.82
N ALA A 86 -0.62 -4.74 -7.24
CA ALA A 86 -1.33 -3.88 -6.31
C ALA A 86 -2.78 -3.83 -6.69
N ARG A 87 -3.59 -4.57 -5.96
CA ARG A 87 -4.98 -4.69 -6.30
C ARG A 87 -5.80 -3.62 -5.59
N TYR A 88 -6.10 -3.90 -4.35
CA TYR A 88 -6.85 -2.98 -3.51
C TYR A 88 -5.93 -2.14 -2.64
N ARG A 89 -6.40 -0.96 -2.30
CA ARG A 89 -5.74 -0.14 -1.29
C ARG A 89 -6.62 -0.09 -0.08
N CYS A 90 -6.00 0.14 1.03
CA CYS A 90 -6.68 0.65 2.17
C CYS A 90 -6.95 2.12 1.86
N GLU A 91 -8.20 2.51 1.71
CA GLU A 91 -8.53 3.89 1.35
C GLU A 91 -8.06 4.87 2.42
N ASP A 92 -7.43 4.35 3.46
CA ASP A 92 -6.98 5.18 4.56
C ASP A 92 -5.46 5.28 4.55
N CYS A 93 -4.76 4.18 4.28
CA CYS A 93 -3.33 4.19 4.45
C CYS A 93 -2.62 3.63 3.22
N GLY A 94 -3.41 3.26 2.21
CA GLY A 94 -2.91 2.87 0.92
C GLY A 94 -1.99 1.67 0.97
N LYS A 95 -2.35 0.72 1.81
CA LYS A 95 -1.74 -0.59 1.75
C LYS A 95 -2.39 -1.37 0.65
N LEU A 96 -1.59 -1.98 -0.18
CA LEU A 96 -2.10 -2.67 -1.35
C LEU A 96 -2.25 -4.15 -1.08
N PHE A 97 -3.49 -4.61 -1.08
CA PHE A 97 -3.77 -6.00 -0.83
C PHE A 97 -4.25 -6.67 -2.11
N THR A 98 -3.72 -7.84 -2.35
CA THR A 98 -4.05 -8.61 -3.51
C THR A 98 -5.35 -9.36 -3.30
N THR A 99 -5.83 -9.30 -2.07
CA THR A 99 -7.08 -9.87 -1.70
C THR A 99 -7.89 -8.86 -0.89
N SER A 100 -9.12 -8.65 -1.31
CA SER A 100 -10.01 -7.69 -0.67
C SER A 100 -10.37 -8.13 0.73
N GLY A 101 -10.31 -9.44 0.97
CA GLY A 101 -10.52 -9.95 2.30
C GLY A 101 -9.35 -9.67 3.23
N ASN A 102 -8.12 -9.92 2.75
CA ASN A 102 -6.92 -9.53 3.49
C ASN A 102 -6.99 -8.06 3.77
N LEU A 103 -7.47 -7.35 2.77
CA LEU A 103 -7.63 -5.94 2.87
C LEU A 103 -8.64 -5.62 3.95
N LYS A 104 -9.80 -6.27 3.82
CA LYS A 104 -10.91 -6.11 4.73
C LYS A 104 -10.50 -6.29 6.18
N ARG A 105 -9.71 -7.32 6.47
CA ARG A 105 -9.22 -7.54 7.83
C ARG A 105 -8.47 -6.30 8.30
N HIS A 106 -7.68 -5.76 7.40
CA HIS A 106 -6.87 -4.58 7.65
C HIS A 106 -7.72 -3.29 7.66
N GLN A 107 -8.91 -3.36 7.11
CA GLN A 107 -9.77 -2.20 7.03
C GLN A 107 -10.47 -2.08 8.37
N LEU A 108 -10.58 -3.24 9.00
CA LEU A 108 -11.26 -3.39 10.26
C LEU A 108 -10.37 -2.99 11.39
N VAL A 109 -9.08 -3.08 11.20
CA VAL A 109 -8.17 -2.70 12.24
C VAL A 109 -8.22 -1.19 12.42
N HIS A 110 -8.64 -0.49 11.36
CA HIS A 110 -8.75 0.96 11.42
C HIS A 110 -10.12 1.40 11.94
N SER A 111 -11.00 0.44 12.15
CA SER A 111 -12.37 0.72 12.58
C SER A 111 -12.92 -0.50 13.31
N GLY A 112 -12.07 -1.15 14.07
CA GLY A 112 -12.41 -2.40 14.68
C GLY A 112 -11.88 -2.51 16.09
ZN ZN B . 8.28 -0.90 0.74
ZN ZN C . -4.79 0.65 6.48
N LYS A 58 6.60 15.44 -5.11
CA LYS A 58 7.46 15.42 -3.90
C LYS A 58 7.97 14.02 -3.65
N PRO A 59 9.07 13.89 -2.88
CA PRO A 59 9.59 12.61 -2.44
C PRO A 59 8.58 11.86 -1.60
N TYR A 60 8.21 10.72 -2.11
CA TYR A 60 7.25 9.84 -1.46
C TYR A 60 7.92 8.54 -1.09
N GLY A 61 8.01 8.25 0.19
CA GLY A 61 8.79 7.13 0.61
C GLY A 61 8.05 6.12 1.44
N CYS A 62 8.39 4.87 1.19
CA CYS A 62 7.86 3.73 1.91
C CYS A 62 8.26 3.80 3.38
N GLU A 63 7.29 3.78 4.27
CA GLU A 63 7.55 3.89 5.70
C GLU A 63 8.13 2.59 6.27
N GLU A 64 8.05 1.53 5.48
CA GLU A 64 8.46 0.21 5.95
C GLU A 64 9.90 -0.13 5.59
N CYS A 65 10.36 0.31 4.44
CA CYS A 65 11.67 -0.07 3.96
C CYS A 65 12.51 1.19 3.78
N GLY A 66 11.85 2.31 4.03
CA GLY A 66 12.50 3.59 4.03
C GLY A 66 13.06 4.00 2.69
N LYS A 67 12.34 3.67 1.62
CA LYS A 67 12.77 4.02 0.28
C LYS A 67 11.86 5.09 -0.31
N SER A 68 12.41 6.27 -0.55
CA SER A 68 11.62 7.37 -1.11
C SER A 68 11.75 7.40 -2.63
N TYR A 69 10.61 7.58 -3.29
CA TYR A 69 10.57 7.67 -4.73
C TYR A 69 10.15 9.05 -5.18
N ARG A 70 10.68 9.45 -6.33
CA ARG A 70 10.42 10.75 -6.92
C ARG A 70 9.00 10.80 -7.50
N LEU A 71 8.56 9.71 -8.10
CA LEU A 71 7.26 9.65 -8.73
C LEU A 71 6.28 8.90 -7.86
N ILE A 72 5.03 9.31 -7.89
CA ILE A 72 4.00 8.68 -7.08
C ILE A 72 3.70 7.30 -7.63
N SER A 73 3.68 7.19 -8.96
CA SER A 73 3.47 5.91 -9.62
C SER A 73 4.70 5.03 -9.44
N LEU A 74 5.85 5.67 -9.26
CA LEU A 74 7.08 4.99 -8.94
C LEU A 74 6.96 4.25 -7.64
N LEU A 75 6.60 4.99 -6.61
CA LEU A 75 6.40 4.42 -5.30
C LEU A 75 5.19 3.51 -5.31
N ASN A 76 4.26 3.83 -6.19
CA ASN A 76 3.05 3.05 -6.34
C ASN A 76 3.39 1.66 -6.83
N LEU A 77 4.37 1.60 -7.72
CA LEU A 77 4.85 0.34 -8.23
C LEU A 77 5.83 -0.29 -7.26
N HIS A 78 6.38 0.53 -6.38
CA HIS A 78 7.19 0.03 -5.27
C HIS A 78 6.30 -0.69 -4.26
N LYS A 79 5.14 -0.10 -3.99
CA LYS A 79 4.22 -0.68 -3.03
C LYS A 79 3.43 -1.81 -3.68
N LYS A 80 3.32 -1.75 -5.01
CA LYS A 80 2.81 -2.88 -5.78
C LYS A 80 3.82 -4.01 -5.74
N ARG A 81 5.10 -3.66 -5.79
CA ARG A 81 6.18 -4.64 -5.79
C ARG A 81 6.13 -5.55 -4.56
N HIS A 82 6.02 -4.95 -3.38
CA HIS A 82 6.05 -5.71 -2.13
C HIS A 82 4.87 -6.67 -2.01
N SER A 83 3.70 -6.26 -2.51
CA SER A 83 2.52 -7.09 -2.44
C SER A 83 2.42 -8.00 -3.66
N GLY A 84 3.36 -7.85 -4.60
CA GLY A 84 3.30 -8.57 -5.84
C GLY A 84 2.55 -7.78 -6.89
N GLU A 85 1.36 -7.34 -6.51
CA GLU A 85 0.57 -6.46 -7.31
C GLU A 85 -0.19 -5.53 -6.36
N ALA A 86 -0.74 -4.47 -6.88
CA ALA A 86 -1.45 -3.51 -6.05
C ALA A 86 -2.88 -3.42 -6.50
N ARG A 87 -3.72 -4.26 -5.91
CA ARG A 87 -5.10 -4.33 -6.29
C ARG A 87 -5.93 -3.32 -5.52
N TYR A 88 -6.28 -3.70 -4.30
CA TYR A 88 -6.99 -2.83 -3.41
C TYR A 88 -6.03 -2.09 -2.51
N ARG A 89 -6.42 -0.93 -2.04
CA ARG A 89 -5.68 -0.29 -0.98
C ARG A 89 -6.61 -0.02 0.16
N CYS A 90 -6.04 0.02 1.33
CA CYS A 90 -6.76 0.45 2.51
C CYS A 90 -7.15 1.90 2.29
N GLU A 91 -8.44 2.18 2.20
CA GLU A 91 -8.90 3.53 1.89
C GLU A 91 -8.57 4.52 3.00
N ASP A 92 -7.82 4.08 4.00
CA ASP A 92 -7.45 4.95 5.10
C ASP A 92 -5.94 5.10 5.23
N CYS A 93 -5.17 4.07 4.90
CA CYS A 93 -3.75 4.15 5.13
C CYS A 93 -2.97 3.77 3.86
N GLY A 94 -3.70 3.27 2.87
CA GLY A 94 -3.16 3.08 1.54
C GLY A 94 -2.26 1.87 1.42
N LYS A 95 -2.60 0.83 2.14
CA LYS A 95 -1.90 -0.43 2.04
C LYS A 95 -2.54 -1.29 0.97
N LEU A 96 -1.74 -1.84 0.07
CA LEU A 96 -2.26 -2.55 -1.08
C LEU A 96 -2.41 -4.03 -0.79
N PHE A 97 -3.63 -4.50 -0.92
CA PHE A 97 -3.93 -5.91 -0.75
C PHE A 97 -4.49 -6.46 -2.03
N THR A 98 -3.98 -7.60 -2.44
CA THR A 98 -4.38 -8.22 -3.68
C THR A 98 -5.71 -8.93 -3.50
N THR A 99 -6.11 -9.02 -2.25
CA THR A 99 -7.35 -9.66 -1.88
C THR A 99 -8.19 -8.72 -1.03
N SER A 100 -9.44 -8.54 -1.40
CA SER A 100 -10.34 -7.64 -0.72
C SER A 100 -10.66 -8.13 0.69
N GLY A 101 -10.61 -9.45 0.90
CA GLY A 101 -10.78 -10.00 2.24
C GLY A 101 -9.57 -9.80 3.11
N ASN A 102 -8.37 -9.96 2.53
CA ASN A 102 -7.14 -9.63 3.24
C ASN A 102 -7.17 -8.18 3.59
N LEU A 103 -7.66 -7.41 2.64
CA LEU A 103 -7.80 -6.01 2.82
C LEU A 103 -8.81 -5.75 3.93
N LYS A 104 -9.99 -6.32 3.74
CA LYS A 104 -11.10 -6.24 4.66
C LYS A 104 -10.68 -6.45 6.11
N ARG A 105 -9.99 -7.54 6.40
CA ARG A 105 -9.58 -7.79 7.78
C ARG A 105 -8.64 -6.69 8.28
N HIS A 106 -7.87 -6.13 7.36
CA HIS A 106 -7.01 -4.98 7.67
C HIS A 106 -7.83 -3.69 7.76
N GLN A 107 -9.02 -3.70 7.20
CA GLN A 107 -9.90 -2.55 7.24
C GLN A 107 -10.64 -2.59 8.56
N LEU A 108 -10.75 -3.81 9.07
CA LEU A 108 -11.47 -4.12 10.29
C LEU A 108 -10.61 -3.84 11.49
N VAL A 109 -9.33 -3.67 11.29
CA VAL A 109 -8.48 -3.33 12.38
C VAL A 109 -8.51 -1.82 12.59
N HIS A 110 -8.93 -1.11 11.54
CA HIS A 110 -9.07 0.33 11.63
C HIS A 110 -10.42 0.70 12.23
N SER A 111 -11.31 -0.27 12.27
CA SER A 111 -12.68 -0.05 12.73
C SER A 111 -13.31 -1.38 13.11
N GLY A 112 -12.64 -2.10 14.00
CA GLY A 112 -13.10 -3.42 14.40
C GLY A 112 -13.53 -3.46 15.85
ZN ZN B . 8.49 -0.72 0.40
ZN ZN C . -4.97 0.24 6.85
N LYS A 58 9.92 15.88 -6.09
CA LYS A 58 10.15 15.69 -4.63
C LYS A 58 10.16 14.22 -4.29
N PRO A 59 10.94 13.82 -3.27
CA PRO A 59 11.05 12.44 -2.84
C PRO A 59 9.75 11.91 -2.24
N TYR A 60 9.22 10.91 -2.90
CA TYR A 60 8.10 10.14 -2.40
C TYR A 60 8.62 8.80 -1.95
N GLY A 61 8.79 8.62 -0.67
CA GLY A 61 9.50 7.47 -0.20
C GLY A 61 8.66 6.50 0.56
N CYS A 62 9.07 5.26 0.47
CA CYS A 62 8.53 4.18 1.26
C CYS A 62 9.03 4.34 2.68
N GLU A 63 8.22 4.89 3.55
CA GLU A 63 8.62 5.09 4.94
C GLU A 63 8.73 3.73 5.63
N GLU A 64 8.32 2.70 4.90
CA GLU A 64 8.34 1.33 5.35
C GLU A 64 9.77 0.78 5.32
N CYS A 65 10.49 1.05 4.25
CA CYS A 65 11.81 0.46 4.06
C CYS A 65 12.84 1.56 3.87
N GLY A 66 12.37 2.73 3.52
CA GLY A 66 13.20 3.91 3.49
C GLY A 66 13.82 4.19 2.14
N LYS A 67 13.12 3.84 1.06
CA LYS A 67 13.58 4.16 -0.28
C LYS A 67 12.66 5.20 -0.92
N SER A 68 13.22 6.33 -1.32
CA SER A 68 12.45 7.41 -1.91
C SER A 68 12.44 7.32 -3.42
N TYR A 69 11.28 7.58 -4.01
CA TYR A 69 11.12 7.60 -5.45
C TYR A 69 10.75 9.00 -5.92
N ARG A 70 10.81 9.21 -7.23
CA ARG A 70 10.53 10.53 -7.78
C ARG A 70 9.03 10.69 -8.06
N LEU A 71 8.40 9.65 -8.60
CA LEU A 71 7.00 9.73 -8.97
C LEU A 71 6.15 8.94 -7.99
N ILE A 72 4.86 9.25 -7.95
CA ILE A 72 3.93 8.49 -7.12
C ILE A 72 3.81 7.07 -7.62
N SER A 73 3.61 6.90 -8.93
CA SER A 73 3.46 5.56 -9.51
C SER A 73 4.75 4.77 -9.36
N LEU A 74 5.88 5.48 -9.35
CA LEU A 74 7.17 4.88 -9.07
C LEU A 74 7.16 4.17 -7.74
N LEU A 75 6.84 4.94 -6.72
CA LEU A 75 6.80 4.46 -5.36
C LEU A 75 5.63 3.51 -5.20
N ASN A 76 4.63 3.72 -6.04
CA ASN A 76 3.44 2.92 -6.04
C ASN A 76 3.75 1.53 -6.55
N LEU A 77 4.67 1.48 -7.51
CA LEU A 77 5.11 0.23 -8.07
C LEU A 77 6.12 -0.43 -7.15
N HIS A 78 6.77 0.40 -6.35
CA HIS A 78 7.62 -0.10 -5.29
C HIS A 78 6.76 -0.74 -4.21
N LYS A 79 5.64 -0.10 -3.92
CA LYS A 79 4.70 -0.58 -2.92
C LYS A 79 3.99 -1.81 -3.46
N LYS A 80 3.67 -1.74 -4.75
CA LYS A 80 3.14 -2.88 -5.49
C LYS A 80 4.12 -4.05 -5.44
N ARG A 81 5.41 -3.74 -5.57
CA ARG A 81 6.44 -4.77 -5.58
C ARG A 81 6.42 -5.59 -4.28
N HIS A 82 6.31 -4.90 -3.15
CA HIS A 82 6.28 -5.57 -1.84
C HIS A 82 5.04 -6.44 -1.69
N SER A 83 3.92 -5.98 -2.24
CA SER A 83 2.65 -6.66 -2.06
C SER A 83 2.28 -7.51 -3.26
N GLY A 84 3.26 -7.80 -4.11
CA GLY A 84 2.99 -8.53 -5.32
C GLY A 84 2.38 -7.63 -6.39
N GLU A 85 1.21 -7.11 -6.09
CA GLU A 85 0.55 -6.15 -6.94
C GLU A 85 -0.39 -5.30 -6.12
N ALA A 86 -0.35 -4.00 -6.34
CA ALA A 86 -1.15 -3.07 -5.57
C ALA A 86 -2.56 -3.04 -6.10
N ARG A 87 -3.40 -3.88 -5.54
CA ARG A 87 -4.78 -3.94 -5.94
C ARG A 87 -5.62 -2.93 -5.20
N TYR A 88 -6.09 -3.33 -4.03
CA TYR A 88 -6.90 -2.49 -3.18
C TYR A 88 -6.03 -1.77 -2.18
N ARG A 89 -6.51 -0.63 -1.71
CA ARG A 89 -5.91 0.01 -0.57
C ARG A 89 -6.88 -0.05 0.57
N CYS A 90 -6.32 0.00 1.73
CA CYS A 90 -7.07 0.28 2.91
C CYS A 90 -7.51 1.72 2.80
N GLU A 91 -8.79 1.97 2.63
CA GLU A 91 -9.31 3.32 2.42
C GLU A 91 -9.00 4.24 3.61
N ASP A 92 -8.31 3.70 4.61
CA ASP A 92 -8.01 4.45 5.81
C ASP A 92 -6.51 4.68 5.96
N CYS A 93 -5.68 3.74 5.52
CA CYS A 93 -4.27 3.88 5.76
C CYS A 93 -3.45 3.66 4.49
N GLY A 94 -4.07 3.07 3.46
CA GLY A 94 -3.50 3.02 2.15
C GLY A 94 -2.61 1.81 1.94
N LYS A 95 -2.88 0.75 2.68
CA LYS A 95 -2.19 -0.50 2.51
C LYS A 95 -2.77 -1.27 1.36
N LEU A 96 -1.92 -1.88 0.57
CA LEU A 96 -2.34 -2.55 -0.65
C LEU A 96 -2.58 -4.02 -0.41
N PHE A 97 -3.79 -4.46 -0.72
CA PHE A 97 -4.14 -5.86 -0.62
C PHE A 97 -4.61 -6.37 -1.96
N THR A 98 -4.13 -7.54 -2.32
CA THR A 98 -4.42 -8.13 -3.62
C THR A 98 -5.78 -8.79 -3.61
N THR A 99 -6.37 -8.84 -2.43
CA THR A 99 -7.68 -9.40 -2.25
C THR A 99 -8.48 -8.52 -1.30
N SER A 100 -9.69 -8.18 -1.70
CA SER A 100 -10.56 -7.29 -0.93
C SER A 100 -10.98 -7.94 0.38
N GLY A 101 -10.99 -9.27 0.41
CA GLY A 101 -11.27 -9.97 1.65
C GLY A 101 -10.14 -9.85 2.66
N ASN A 102 -8.90 -10.01 2.19
CA ASN A 102 -7.74 -9.76 3.04
C ASN A 102 -7.75 -8.32 3.47
N LEU A 103 -8.14 -7.48 2.52
CA LEU A 103 -8.25 -6.09 2.77
C LEU A 103 -9.26 -5.86 3.87
N LYS A 104 -10.41 -6.49 3.68
CA LYS A 104 -11.54 -6.42 4.58
C LYS A 104 -11.13 -6.76 6.01
N ARG A 105 -10.37 -7.83 6.19
CA ARG A 105 -9.86 -8.19 7.52
C ARG A 105 -9.12 -7.00 8.12
N HIS A 106 -8.29 -6.40 7.31
CA HIS A 106 -7.47 -5.27 7.71
C HIS A 106 -8.31 -3.99 7.84
N GLN A 107 -9.51 -4.00 7.28
CA GLN A 107 -10.39 -2.84 7.35
C GLN A 107 -11.11 -2.91 8.69
N LEU A 108 -11.29 -4.14 9.13
CA LEU A 108 -12.02 -4.46 10.34
C LEU A 108 -11.18 -4.19 11.54
N VAL A 109 -9.90 -4.11 11.36
CA VAL A 109 -9.06 -3.78 12.47
C VAL A 109 -9.13 -2.28 12.73
N HIS A 110 -9.51 -1.53 11.70
CA HIS A 110 -9.69 -0.08 11.84
C HIS A 110 -11.10 0.24 12.30
N SER A 111 -11.95 -0.77 12.34
CA SER A 111 -13.34 -0.60 12.74
C SER A 111 -13.87 -1.90 13.32
N GLY A 112 -13.06 -2.49 14.19
CA GLY A 112 -13.38 -3.78 14.75
C GLY A 112 -12.90 -3.91 16.18
ZN ZN B . 9.05 -0.50 0.47
ZN ZN C . -5.34 -0.17 7.27
N LYS A 58 7.01 15.19 -5.74
CA LYS A 58 6.49 14.99 -4.38
C LYS A 58 7.00 13.68 -3.82
N PRO A 59 7.54 13.69 -2.59
CA PRO A 59 8.01 12.48 -1.94
C PRO A 59 6.87 11.53 -1.63
N TYR A 60 6.93 10.39 -2.25
CA TYR A 60 5.99 9.32 -1.99
C TYR A 60 6.77 8.11 -1.54
N GLY A 61 7.04 8.06 -0.25
CA GLY A 61 7.94 7.07 0.25
C GLY A 61 7.24 5.95 0.97
N CYS A 62 7.80 4.78 0.82
CA CYS A 62 7.34 3.63 1.54
C CYS A 62 7.77 3.77 2.99
N GLU A 63 6.87 4.21 3.86
CA GLU A 63 7.21 4.47 5.25
C GLU A 63 7.58 3.18 5.99
N GLU A 64 7.45 2.07 5.29
CA GLU A 64 7.77 0.76 5.85
C GLU A 64 9.25 0.43 5.66
N CYS A 65 9.82 0.78 4.51
CA CYS A 65 11.16 0.38 4.19
C CYS A 65 12.02 1.61 3.97
N GLY A 66 11.34 2.75 4.00
CA GLY A 66 12.00 4.01 3.99
C GLY A 66 12.55 4.40 2.62
N LYS A 67 11.95 3.86 1.57
CA LYS A 67 12.34 4.24 0.22
C LYS A 67 11.29 5.16 -0.37
N SER A 68 11.64 6.44 -0.53
CA SER A 68 10.72 7.40 -1.10
C SER A 68 10.85 7.45 -2.61
N TYR A 69 9.73 7.61 -3.28
CA TYR A 69 9.73 7.70 -4.73
C TYR A 69 9.15 9.01 -5.20
N ARG A 70 9.60 9.43 -6.38
CA ARG A 70 9.19 10.68 -6.99
C ARG A 70 7.76 10.59 -7.52
N LEU A 71 7.42 9.44 -8.09
CA LEU A 71 6.11 9.23 -8.67
C LEU A 71 5.28 8.30 -7.81
N ILE A 72 3.96 8.46 -7.89
CA ILE A 72 3.05 7.54 -7.24
C ILE A 72 3.14 6.17 -7.90
N SER A 73 3.24 6.17 -9.23
CA SER A 73 3.37 4.95 -9.99
C SER A 73 4.73 4.30 -9.73
N LEU A 74 5.71 5.13 -9.43
CA LEU A 74 7.03 4.66 -9.05
C LEU A 74 6.96 3.85 -7.77
N LEU A 75 6.39 4.45 -6.76
CA LEU A 75 6.24 3.83 -5.46
C LEU A 75 5.23 2.71 -5.56
N ASN A 76 4.36 2.85 -6.54
CA ASN A 76 3.34 1.86 -6.83
C ASN A 76 4.00 0.57 -7.25
N LEU A 77 5.02 0.70 -8.10
CA LEU A 77 5.75 -0.44 -8.58
C LEU A 77 6.73 -0.93 -7.54
N HIS A 78 7.09 -0.04 -6.61
CA HIS A 78 7.85 -0.45 -5.45
C HIS A 78 6.97 -1.27 -4.52
N LYS A 79 5.71 -0.86 -4.44
CA LYS A 79 4.74 -1.59 -3.64
C LYS A 79 4.45 -2.93 -4.32
N LYS A 80 4.43 -2.89 -5.64
CA LYS A 80 4.32 -4.08 -6.46
C LYS A 80 5.51 -5.01 -6.24
N ARG A 81 6.66 -4.40 -5.95
CA ARG A 81 7.87 -5.16 -5.67
C ARG A 81 7.69 -6.03 -4.41
N HIS A 82 7.05 -5.46 -3.39
CA HIS A 82 6.84 -6.16 -2.13
C HIS A 82 5.64 -7.10 -2.19
N SER A 83 4.50 -6.55 -2.61
CA SER A 83 3.22 -7.24 -2.46
C SER A 83 2.62 -7.65 -3.79
N GLY A 84 3.46 -7.94 -4.77
CA GLY A 84 2.98 -8.39 -6.06
C GLY A 84 2.46 -7.26 -6.91
N GLU A 85 1.47 -6.55 -6.41
CA GLU A 85 0.91 -5.43 -7.13
C GLU A 85 0.05 -4.58 -6.20
N ALA A 86 0.10 -3.28 -6.38
CA ALA A 86 -0.63 -2.35 -5.56
C ALA A 86 -2.06 -2.23 -6.03
N ARG A 87 -2.89 -3.16 -5.58
CA ARG A 87 -4.28 -3.15 -5.97
C ARG A 87 -5.10 -2.21 -5.11
N TYR A 88 -5.63 -2.74 -4.03
CA TYR A 88 -6.45 -1.98 -3.12
C TYR A 88 -5.59 -1.31 -2.08
N ARG A 89 -6.00 -0.13 -1.64
CA ARG A 89 -5.38 0.48 -0.50
C ARG A 89 -6.31 0.37 0.66
N CYS A 90 -5.72 0.37 1.81
CA CYS A 90 -6.45 0.61 3.01
C CYS A 90 -6.82 2.06 3.00
N GLU A 91 -8.10 2.37 2.79
CA GLU A 91 -8.55 3.75 2.67
C GLU A 91 -8.36 4.53 3.97
N ASP A 92 -7.57 3.99 4.88
CA ASP A 92 -7.19 4.70 6.09
C ASP A 92 -5.68 4.87 6.17
N CYS A 93 -4.88 3.87 5.78
CA CYS A 93 -3.46 3.95 5.99
C CYS A 93 -2.67 3.64 4.71
N GLY A 94 -3.39 3.20 3.68
CA GLY A 94 -2.84 3.06 2.36
C GLY A 94 -1.93 1.86 2.18
N LYS A 95 -2.30 0.74 2.80
CA LYS A 95 -1.64 -0.52 2.52
C LYS A 95 -2.24 -1.10 1.27
N LEU A 96 -1.44 -1.77 0.47
CA LEU A 96 -1.90 -2.25 -0.81
C LEU A 96 -2.15 -3.75 -0.76
N PHE A 97 -3.41 -4.13 -0.73
CA PHE A 97 -3.79 -5.53 -0.72
C PHE A 97 -4.27 -5.94 -2.08
N THR A 98 -3.81 -7.09 -2.52
CA THR A 98 -4.19 -7.65 -3.79
C THR A 98 -5.55 -8.31 -3.69
N THR A 99 -5.99 -8.47 -2.46
CA THR A 99 -7.28 -9.03 -2.19
C THR A 99 -8.10 -8.03 -1.37
N SER A 100 -9.31 -7.74 -1.84
CA SER A 100 -10.20 -6.84 -1.15
C SER A 100 -10.65 -7.44 0.18
N GLY A 101 -10.80 -8.75 0.20
CA GLY A 101 -11.15 -9.44 1.43
C GLY A 101 -10.05 -9.36 2.47
N ASN A 102 -8.81 -9.56 2.02
CA ASN A 102 -7.66 -9.41 2.92
C ASN A 102 -7.59 -7.98 3.38
N LEU A 103 -7.94 -7.11 2.45
CA LEU A 103 -7.92 -5.71 2.70
C LEU A 103 -8.96 -5.39 3.76
N LYS A 104 -10.16 -5.88 3.51
CA LYS A 104 -11.29 -5.68 4.39
C LYS A 104 -10.99 -6.13 5.81
N ARG A 105 -10.34 -7.27 5.95
CA ARG A 105 -9.92 -7.73 7.27
C ARG A 105 -9.07 -6.66 7.95
N HIS A 106 -8.14 -6.09 7.21
CA HIS A 106 -7.27 -5.03 7.70
C HIS A 106 -8.02 -3.71 7.89
N GLN A 107 -9.16 -3.58 7.27
CA GLN A 107 -9.93 -2.36 7.35
C GLN A 107 -10.65 -2.38 8.67
N LEU A 108 -10.94 -3.61 9.09
CA LEU A 108 -11.68 -3.87 10.30
C LEU A 108 -10.80 -3.71 11.49
N VAL A 109 -9.53 -4.03 11.34
CA VAL A 109 -8.63 -3.95 12.46
C VAL A 109 -8.49 -2.51 12.92
N HIS A 110 -8.81 -1.58 12.02
CA HIS A 110 -8.74 -0.17 12.35
C HIS A 110 -9.93 0.27 13.22
N SER A 111 -10.97 -0.55 13.28
CA SER A 111 -12.17 -0.19 14.04
C SER A 111 -12.95 -1.43 14.41
N GLY A 112 -12.23 -2.51 14.65
CA GLY A 112 -12.85 -3.79 14.88
C GLY A 112 -12.55 -4.34 16.25
ZN ZN B . 8.19 -0.94 0.40
ZN ZN C . -4.84 0.08 7.41
N LYS A 58 9.28 16.30 -4.98
CA LYS A 58 10.29 15.84 -4.02
C LYS A 58 10.33 14.31 -3.98
N PRO A 59 11.47 13.74 -3.53
CA PRO A 59 11.61 12.30 -3.33
C PRO A 59 10.54 11.73 -2.43
N TYR A 60 9.86 10.77 -2.97
CA TYR A 60 8.79 10.05 -2.28
C TYR A 60 9.32 8.71 -1.83
N GLY A 61 9.66 8.60 -0.57
CA GLY A 61 10.30 7.40 -0.11
C GLY A 61 9.36 6.49 0.65
N CYS A 62 9.60 5.21 0.48
CA CYS A 62 8.77 4.15 1.02
C CYS A 62 8.73 4.19 2.54
N GLU A 63 7.65 3.65 3.08
CA GLU A 63 7.37 3.66 4.51
C GLU A 63 8.27 2.68 5.25
N GLU A 64 8.52 1.53 4.63
CA GLU A 64 9.13 0.40 5.30
C GLU A 64 10.61 0.27 5.01
N CYS A 65 10.96 0.50 3.75
CA CYS A 65 12.32 0.25 3.28
C CYS A 65 12.98 1.58 3.02
N GLY A 66 12.12 2.58 2.98
CA GLY A 66 12.55 3.95 2.92
C GLY A 66 13.37 4.30 1.70
N LYS A 67 13.08 3.67 0.57
CA LYS A 67 13.72 4.04 -0.68
C LYS A 67 12.96 5.18 -1.33
N SER A 68 13.65 6.26 -1.70
CA SER A 68 13.00 7.43 -2.26
C SER A 68 12.83 7.33 -3.76
N TYR A 69 11.62 7.61 -4.19
CA TYR A 69 11.28 7.65 -5.61
C TYR A 69 10.72 9.01 -5.97
N ARG A 70 11.25 9.63 -7.02
CA ARG A 70 10.84 10.98 -7.36
C ARG A 70 9.45 11.03 -7.98
N LEU A 71 8.95 9.90 -8.48
CA LEU A 71 7.56 9.85 -8.91
C LEU A 71 6.72 9.07 -7.90
N ILE A 72 5.46 9.43 -7.81
CA ILE A 72 4.52 8.71 -6.96
C ILE A 72 4.25 7.33 -7.54
N SER A 73 4.08 7.28 -8.85
CA SER A 73 3.87 6.02 -9.55
C SER A 73 5.07 5.09 -9.35
N LEU A 74 6.25 5.68 -9.38
CA LEU A 74 7.48 4.99 -9.09
C LEU A 74 7.41 4.24 -7.78
N LEU A 75 7.12 4.97 -6.76
CA LEU A 75 7.05 4.46 -5.42
C LEU A 75 5.84 3.56 -5.27
N ASN A 76 4.87 3.83 -6.10
CA ASN A 76 3.61 3.10 -6.10
C ASN A 76 3.83 1.73 -6.67
N LEU A 77 4.64 1.67 -7.71
CA LEU A 77 4.98 0.43 -8.35
C LEU A 77 6.06 -0.28 -7.57
N HIS A 78 6.75 0.47 -6.74
CA HIS A 78 7.71 -0.09 -5.81
C HIS A 78 6.97 -0.79 -4.67
N LYS A 79 5.91 -0.15 -4.18
CA LYS A 79 5.15 -0.75 -3.08
C LYS A 79 4.26 -1.85 -3.61
N LYS A 80 3.87 -1.70 -4.88
CA LYS A 80 3.21 -2.76 -5.61
C LYS A 80 4.16 -3.95 -5.75
N ARG A 81 5.44 -3.64 -5.96
CA ARG A 81 6.46 -4.66 -6.17
C ARG A 81 6.63 -5.56 -4.94
N HIS A 82 6.49 -4.98 -3.74
CA HIS A 82 6.66 -5.73 -2.50
C HIS A 82 5.59 -6.81 -2.33
N SER A 83 4.44 -6.62 -2.95
CA SER A 83 3.33 -7.54 -2.79
C SER A 83 2.93 -8.17 -4.13
N GLY A 84 3.83 -8.07 -5.11
CA GLY A 84 3.52 -8.56 -6.44
C GLY A 84 2.70 -7.55 -7.23
N GLU A 85 1.63 -7.07 -6.60
CA GLU A 85 0.83 -6.01 -7.15
C GLU A 85 0.21 -5.23 -6.01
N ALA A 86 -0.55 -4.23 -6.35
CA ALA A 86 -1.26 -3.42 -5.37
C ALA A 86 -2.68 -3.24 -5.85
N ARG A 87 -3.58 -4.04 -5.29
CA ARG A 87 -4.93 -4.13 -5.80
C ARG A 87 -5.84 -3.15 -5.10
N TYR A 88 -6.31 -3.57 -3.95
CA TYR A 88 -7.18 -2.75 -3.12
C TYR A 88 -6.36 -1.95 -2.14
N ARG A 89 -6.94 -0.88 -1.63
CA ARG A 89 -6.35 -0.19 -0.52
C ARG A 89 -7.37 -0.06 0.57
N CYS A 90 -6.88 0.04 1.79
CA CYS A 90 -7.74 0.31 2.93
C CYS A 90 -8.34 1.69 2.74
N GLU A 91 -9.65 1.81 2.92
CA GLU A 91 -10.33 3.07 2.66
C GLU A 91 -10.06 4.09 3.77
N ASP A 92 -9.19 3.72 4.70
CA ASP A 92 -8.85 4.59 5.81
C ASP A 92 -7.38 4.92 5.85
N CYS A 93 -6.52 3.94 5.61
CA CYS A 93 -5.12 4.14 5.87
C CYS A 93 -4.30 3.78 4.62
N GLY A 94 -5.02 3.47 3.55
CA GLY A 94 -4.44 3.27 2.25
C GLY A 94 -3.40 2.17 2.17
N LYS A 95 -3.63 1.09 2.92
CA LYS A 95 -2.82 -0.10 2.80
C LYS A 95 -3.28 -0.93 1.62
N LEU A 96 -2.36 -1.36 0.78
CA LEU A 96 -2.71 -2.08 -0.43
C LEU A 96 -2.75 -3.57 -0.18
N PHE A 97 -3.90 -4.15 -0.45
CA PHE A 97 -4.06 -5.59 -0.32
C PHE A 97 -4.45 -6.18 -1.64
N THR A 98 -3.81 -7.27 -1.98
CA THR A 98 -4.03 -7.93 -3.24
C THR A 98 -5.29 -8.78 -3.19
N THR A 99 -5.80 -8.94 -1.99
CA THR A 99 -7.01 -9.66 -1.77
C THR A 99 -7.95 -8.80 -0.93
N SER A 100 -9.19 -8.66 -1.40
CA SER A 100 -10.17 -7.82 -0.77
C SER A 100 -10.60 -8.38 0.57
N GLY A 101 -10.47 -9.70 0.72
CA GLY A 101 -10.75 -10.33 2.01
C GLY A 101 -9.69 -10.04 3.04
N ASN A 102 -8.42 -10.15 2.65
CA ASN A 102 -7.32 -9.74 3.53
C ASN A 102 -7.50 -8.29 3.87
N LEU A 103 -7.95 -7.55 2.88
CA LEU A 103 -8.18 -6.16 3.03
C LEU A 103 -9.27 -5.94 4.05
N LYS A 104 -10.37 -6.65 3.83
CA LYS A 104 -11.55 -6.55 4.64
C LYS A 104 -11.25 -6.79 6.11
N ARG A 105 -10.47 -7.82 6.40
CA ARG A 105 -10.08 -8.09 7.77
C ARG A 105 -9.38 -6.88 8.35
N HIS A 106 -8.53 -6.26 7.54
CA HIS A 106 -7.80 -5.06 7.95
C HIS A 106 -8.73 -3.84 8.01
N GLN A 107 -9.88 -3.93 7.38
CA GLN A 107 -10.84 -2.84 7.41
C GLN A 107 -11.63 -2.97 8.69
N LEU A 108 -11.71 -4.21 9.15
CA LEU A 108 -12.45 -4.56 10.33
C LEU A 108 -11.64 -4.25 11.55
N VAL A 109 -10.33 -4.30 11.45
CA VAL A 109 -9.51 -3.98 12.58
C VAL A 109 -9.70 -2.52 12.96
N HIS A 110 -10.16 -1.72 11.98
CA HIS A 110 -10.39 -0.30 12.22
C HIS A 110 -11.76 -0.04 12.87
N SER A 111 -12.54 -1.10 13.09
CA SER A 111 -13.86 -0.96 13.70
C SER A 111 -14.45 -2.35 13.95
N GLY A 112 -13.63 -3.22 14.51
CA GLY A 112 -13.98 -4.61 14.66
C GLY A 112 -13.95 -5.09 16.09
ZN ZN B . 9.10 -0.40 -0.17
ZN ZN C . -6.28 0.27 7.43
N LYS A 58 10.95 15.17 -7.41
CA LYS A 58 10.47 15.30 -6.01
C LYS A 58 10.59 13.96 -5.29
N PRO A 59 11.31 13.94 -4.16
CA PRO A 59 11.52 12.72 -3.39
C PRO A 59 10.22 12.18 -2.81
N TYR A 60 9.88 11.01 -3.26
CA TYR A 60 8.73 10.27 -2.76
C TYR A 60 9.21 8.93 -2.25
N GLY A 61 9.29 8.77 -0.94
CA GLY A 61 9.97 7.63 -0.41
C GLY A 61 9.09 6.72 0.43
N CYS A 62 9.53 5.48 0.49
CA CYS A 62 8.92 4.46 1.31
C CYS A 62 9.33 4.66 2.76
N GLU A 63 8.40 4.44 3.67
CA GLU A 63 8.66 4.56 5.09
C GLU A 63 9.11 3.21 5.65
N GLU A 64 8.70 2.15 4.96
CA GLU A 64 8.88 0.80 5.46
C GLU A 64 10.27 0.26 5.12
N CYS A 65 10.78 0.58 3.95
CA CYS A 65 12.09 0.12 3.55
C CYS A 65 13.00 1.31 3.38
N GLY A 66 12.37 2.45 3.13
CA GLY A 66 13.06 3.71 3.16
C GLY A 66 13.69 4.10 1.85
N LYS A 67 13.18 3.54 0.75
CA LYS A 67 13.69 3.89 -0.57
C LYS A 67 12.91 5.07 -1.16
N SER A 68 13.61 6.13 -1.50
CA SER A 68 12.97 7.29 -2.10
C SER A 68 12.98 7.19 -3.63
N TYR A 69 11.84 7.52 -4.23
CA TYR A 69 11.71 7.54 -5.68
C TYR A 69 11.42 8.93 -6.18
N ARG A 70 11.57 9.14 -7.49
CA ARG A 70 11.35 10.44 -8.09
C ARG A 70 9.89 10.65 -8.46
N LEU A 71 9.24 9.61 -8.96
CA LEU A 71 7.85 9.73 -9.37
C LEU A 71 6.93 9.05 -8.37
N ILE A 72 5.69 9.48 -8.32
CA ILE A 72 4.69 8.83 -7.49
C ILE A 72 4.45 7.42 -7.99
N SER A 73 4.35 7.28 -9.30
CA SER A 73 4.14 5.97 -9.92
C SER A 73 5.35 5.06 -9.68
N LEU A 74 6.52 5.65 -9.66
CA LEU A 74 7.74 4.95 -9.32
C LEU A 74 7.64 4.27 -7.97
N LEU A 75 7.34 5.07 -6.98
CA LEU A 75 7.22 4.60 -5.64
C LEU A 75 5.96 3.76 -5.50
N ASN A 76 5.02 4.05 -6.37
CA ASN A 76 3.75 3.35 -6.40
C ASN A 76 3.98 1.93 -6.84
N LEU A 77 4.85 1.79 -7.83
CA LEU A 77 5.18 0.50 -8.37
C LEU A 77 6.21 -0.18 -7.48
N HIS A 78 6.88 0.62 -6.67
CA HIS A 78 7.73 0.10 -5.60
C HIS A 78 6.87 -0.55 -4.53
N LYS A 79 5.79 0.13 -4.18
CA LYS A 79 4.88 -0.33 -3.14
C LYS A 79 4.07 -1.49 -3.68
N LYS A 80 3.76 -1.40 -4.97
CA LYS A 80 3.12 -2.48 -5.69
C LYS A 80 4.05 -3.68 -5.80
N ARG A 81 5.33 -3.41 -6.01
CA ARG A 81 6.33 -4.46 -6.16
C ARG A 81 6.40 -5.36 -4.92
N HIS A 82 6.38 -4.74 -3.74
CA HIS A 82 6.49 -5.47 -2.48
C HIS A 82 5.42 -6.55 -2.35
N SER A 83 4.17 -6.18 -2.58
CA SER A 83 3.06 -7.10 -2.39
C SER A 83 2.60 -7.69 -3.72
N GLY A 84 3.50 -7.80 -4.68
CA GLY A 84 3.15 -8.33 -5.98
C GLY A 84 2.48 -7.27 -6.83
N GLU A 85 1.37 -6.74 -6.33
CA GLU A 85 0.71 -5.63 -6.97
C GLU A 85 -0.27 -4.98 -6.00
N ALA A 86 -0.33 -3.66 -6.08
CA ALA A 86 -1.23 -2.90 -5.24
C ALA A 86 -2.65 -2.95 -5.79
N ARG A 87 -3.43 -3.84 -5.24
CA ARG A 87 -4.80 -4.02 -5.66
C ARG A 87 -5.72 -3.05 -4.93
N TYR A 88 -6.21 -3.51 -3.80
CA TYR A 88 -7.12 -2.74 -2.99
C TYR A 88 -6.38 -1.91 -1.96
N ARG A 89 -6.97 -0.79 -1.59
CA ARG A 89 -6.50 -0.01 -0.47
C ARG A 89 -7.48 -0.15 0.66
N CYS A 90 -6.99 0.04 1.84
CA CYS A 90 -7.84 0.19 2.99
C CYS A 90 -8.46 1.58 2.91
N GLU A 91 -9.78 1.65 2.96
CA GLU A 91 -10.50 2.92 2.84
C GLU A 91 -10.19 3.88 3.97
N ASP A 92 -9.31 3.47 4.88
CA ASP A 92 -8.97 4.27 6.02
C ASP A 92 -7.48 4.61 6.06
N CYS A 93 -6.62 3.67 5.69
CA CYS A 93 -5.22 3.86 5.92
C CYS A 93 -4.41 3.58 4.66
N GLY A 94 -5.12 3.25 3.57
CA GLY A 94 -4.52 3.05 2.28
C GLY A 94 -3.47 1.96 2.25
N LYS A 95 -3.71 0.90 3.01
CA LYS A 95 -2.90 -0.29 2.91
C LYS A 95 -3.35 -1.12 1.73
N LEU A 96 -2.41 -1.59 0.94
CA LEU A 96 -2.73 -2.27 -0.30
C LEU A 96 -2.79 -3.77 -0.09
N PHE A 97 -3.95 -4.34 -0.36
CA PHE A 97 -4.14 -5.77 -0.26
C PHE A 97 -4.53 -6.36 -1.59
N THR A 98 -3.95 -7.50 -1.88
CA THR A 98 -4.18 -8.18 -3.14
C THR A 98 -5.46 -8.98 -3.09
N THR A 99 -5.99 -9.09 -1.88
CA THR A 99 -7.21 -9.80 -1.65
C THR A 99 -8.18 -8.89 -0.88
N SER A 100 -9.40 -8.77 -1.39
CA SER A 100 -10.39 -7.89 -0.82
C SER A 100 -10.86 -8.40 0.54
N GLY A 101 -10.78 -9.72 0.73
CA GLY A 101 -11.15 -10.28 2.02
C GLY A 101 -10.03 -10.12 3.05
N ASN A 102 -8.78 -10.21 2.60
CA ASN A 102 -7.65 -9.90 3.47
C ASN A 102 -7.75 -8.46 3.86
N LEU A 103 -8.13 -7.68 2.87
CA LEU A 103 -8.32 -6.28 3.04
C LEU A 103 -9.40 -6.06 4.08
N LYS A 104 -10.57 -6.62 3.79
CA LYS A 104 -11.74 -6.61 4.66
C LYS A 104 -11.37 -6.94 6.10
N ARG A 105 -10.61 -8.00 6.31
CA ARG A 105 -10.14 -8.36 7.64
C ARG A 105 -9.43 -7.17 8.29
N HIS A 106 -8.57 -6.52 7.52
CA HIS A 106 -7.82 -5.36 7.99
C HIS A 106 -8.71 -4.12 8.12
N GLN A 107 -9.86 -4.14 7.48
CA GLN A 107 -10.75 -3.00 7.48
C GLN A 107 -11.57 -3.08 8.74
N LEU A 108 -11.73 -4.30 9.20
CA LEU A 108 -12.51 -4.60 10.36
C LEU A 108 -11.75 -4.19 11.57
N VAL A 109 -10.45 -4.42 11.56
CA VAL A 109 -9.65 -4.17 12.72
C VAL A 109 -9.68 -2.70 13.10
N HIS A 110 -10.12 -1.88 12.15
CA HIS A 110 -10.25 -0.45 12.41
C HIS A 110 -11.48 -0.10 13.25
N SER A 111 -12.29 -1.10 13.59
CA SER A 111 -13.45 -0.90 14.47
C SER A 111 -13.78 -2.19 15.20
N GLY A 112 -13.69 -3.27 14.46
CA GLY A 112 -13.91 -4.60 14.96
C GLY A 112 -15.39 -4.91 15.13
ZN ZN B . 9.08 -0.21 0.37
ZN ZN C . -6.36 -0.07 7.43
#